data_4GZV
#
_entry.id   4GZV
#
_cell.length_a   44.781
_cell.length_b   66.323
_cell.length_c   109.737
_cell.angle_alpha   88.23
_cell.angle_beta   82.26
_cell.angle_gamma   74.75
#
_symmetry.space_group_name_H-M   'P 1'
#
loop_
_entity.id
_entity.type
_entity.pdbx_description
1 polymer 'hypothetical protein'
2 non-polymer 'UNKNOWN LIGAND'
3 non-polymer 'ACETATE ION'
4 non-polymer GLYCEROL
5 non-polymer 'SODIUM ION'
6 water water
#
_entity_poly.entity_id   1
_entity_poly.type   'polypeptide(L)'
_entity_poly.pdbx_seq_one_letter_code
;GQKKTKFKAADLKGIWQLCHYVSESPDVPGALKPSNTFKVLSDDGRIVNFTIIPGADAIITGYGTYKQLTDDSYKESIEK
NIHLP(MSE)LDNQDNILEFEIKDNDYLHLKYFIKSDLNGNELNTWYYETWKRVE(MSE)PAKFPEDIVR
;
_entity_poly.pdbx_strand_id   A,B,C,D,E,F,G,H
#
# COMPACT_ATOMS: atom_id res chain seq x y z
N LYS A 4 34.94 -43.36 16.24
CA LYS A 4 34.68 -43.11 14.79
C LYS A 4 33.46 -42.18 14.63
N THR A 5 33.71 -40.86 14.67
CA THR A 5 32.66 -39.81 14.63
C THR A 5 32.86 -38.72 13.52
N LYS A 6 32.94 -39.16 12.27
CA LYS A 6 33.09 -38.26 11.10
C LYS A 6 31.80 -37.47 10.77
N PHE A 7 30.64 -38.03 11.10
CA PHE A 7 29.34 -37.33 10.92
C PHE A 7 29.27 -36.04 11.87
N LYS A 8 30.01 -36.08 12.99
CA LYS A 8 30.14 -34.95 13.95
C LYS A 8 31.20 -33.90 13.56
N ALA A 9 31.93 -34.10 12.46
CA ALA A 9 32.91 -33.11 11.92
C ALA A 9 32.28 -31.72 11.68
N ALA A 10 33.11 -30.69 11.84
CA ALA A 10 32.66 -29.30 11.69
C ALA A 10 32.27 -29.03 10.23
N ASP A 11 31.11 -28.43 9.99
CA ASP A 11 30.80 -28.00 8.59
C ASP A 11 31.67 -26.95 7.90
N LEU A 12 32.02 -27.17 6.62
CA LEU A 12 32.59 -26.12 5.75
C LEU A 12 31.52 -25.11 5.33
N LYS A 13 30.29 -25.59 5.14
CA LYS A 13 29.19 -24.74 4.71
C LYS A 13 28.97 -23.57 5.67
N GLY A 14 28.77 -22.38 5.12
CA GLY A 14 28.51 -21.16 5.90
C GLY A 14 29.18 -19.93 5.31
N ILE A 15 29.19 -18.87 6.12
CA ILE A 15 29.78 -17.58 5.76
C ILE A 15 30.99 -17.44 6.66
N TRP A 16 32.15 -17.27 6.05
CA TRP A 16 33.42 -17.16 6.73
C TRP A 16 34.01 -15.78 6.56
N GLN A 17 34.61 -15.24 7.62
CA GLN A 17 35.20 -13.90 7.61
C GLN A 17 36.74 -14.02 7.73
N LEU A 18 37.45 -13.45 6.76
CA LEU A 18 38.90 -13.49 6.73
C LEU A 18 39.47 -12.72 7.91
N CYS A 19 40.47 -13.32 8.54
CA CYS A 19 41.16 -12.67 9.63
C CYS A 19 42.51 -12.17 9.12
N HIS A 20 42.98 -11.09 9.73
CA HIS A 20 44.30 -10.50 9.44
C HIS A 20 44.93 -10.14 10.81
N TYR A 21 46.10 -9.49 10.79
CA TYR A 21 46.88 -9.19 12.00
C TYR A 21 46.97 -7.70 12.24
N VAL A 22 46.52 -7.25 13.40
CA VAL A 22 46.43 -5.83 13.76
C VAL A 22 47.08 -5.54 15.09
N SER A 23 47.88 -4.48 15.11
CA SER A 23 48.42 -4.02 16.35
C SER A 23 48.37 -2.50 16.36
N GLU A 24 48.69 -2.02 17.55
CA GLU A 24 48.76 -0.61 17.83
C GLU A 24 50.03 0.05 17.30
N SER A 25 51.02 -0.75 16.94
CA SER A 25 52.31 -0.25 16.48
C SER A 25 53.08 -1.27 15.69
N PRO A 26 53.92 -0.82 14.73
CA PRO A 26 54.79 -1.83 14.06
C PRO A 26 55.79 -2.57 14.97
N ASP A 27 56.07 -2.05 16.16
CA ASP A 27 56.98 -2.71 17.13
C ASP A 27 56.27 -3.80 17.93
N VAL A 28 54.94 -3.79 17.94
CA VAL A 28 54.11 -4.83 18.55
C VAL A 28 53.57 -5.83 17.52
N PRO A 29 53.81 -7.16 17.69
CA PRO A 29 53.23 -8.14 16.77
C PRO A 29 51.71 -8.09 16.76
N GLY A 30 51.13 -8.20 15.59
CA GLY A 30 49.68 -8.11 15.45
C GLY A 30 48.90 -9.27 15.98
N ALA A 31 47.73 -8.95 16.53
CA ALA A 31 46.79 -9.92 17.07
C ALA A 31 45.86 -10.25 15.93
N LEU A 32 45.38 -11.48 15.92
CA LEU A 32 44.43 -11.95 14.92
C LEU A 32 43.07 -11.27 15.13
N LYS A 33 42.55 -10.64 14.06
CA LYS A 33 41.29 -9.88 14.09
C LYS A 33 40.50 -10.12 12.83
N PRO A 34 39.17 -10.00 12.90
CA PRO A 34 38.36 -10.17 11.71
C PRO A 34 38.50 -8.99 10.78
N SER A 35 38.52 -9.25 9.47
CA SER A 35 38.75 -8.23 8.47
C SER A 35 37.53 -7.98 7.54
N ASN A 36 37.79 -7.57 6.29
CA ASN A 36 36.76 -7.11 5.35
C ASN A 36 36.31 -8.08 4.27
N THR A 37 36.84 -9.30 4.28
CA THR A 37 36.61 -10.28 3.23
C THR A 37 35.82 -11.45 3.75
N PHE A 38 34.88 -11.90 2.92
CA PHE A 38 33.99 -12.98 3.25
C PHE A 38 34.02 -14.07 2.20
N LYS A 39 33.94 -15.32 2.65
CA LYS A 39 33.82 -16.48 1.77
C LYS A 39 32.48 -17.12 2.08
N VAL A 40 31.61 -17.18 1.07
CA VAL A 40 30.31 -17.83 1.20
C VAL A 40 30.48 -19.21 0.59
N LEU A 41 30.41 -20.25 1.42
CA LEU A 41 30.42 -21.66 0.98
C LEU A 41 28.97 -22.12 1.14
N SER A 42 28.22 -22.09 0.04
CA SER A 42 26.79 -22.37 0.07
C SER A 42 26.49 -23.85 0.26
N ASP A 43 25.25 -24.14 0.64
CA ASP A 43 24.79 -25.52 0.81
C ASP A 43 24.76 -26.29 -0.52
N ASP A 44 24.58 -25.57 -1.65
CA ASP A 44 24.51 -26.19 -2.98
C ASP A 44 25.84 -26.18 -3.76
N GLY A 45 26.96 -26.10 -3.05
CA GLY A 45 28.27 -26.20 -3.65
C GLY A 45 28.83 -25.01 -4.40
N ARG A 46 28.36 -23.79 -4.13
CA ARG A 46 28.91 -22.57 -4.74
C ARG A 46 29.84 -21.88 -3.74
N ILE A 47 30.91 -21.27 -4.27
CA ILE A 47 31.86 -20.48 -3.49
C ILE A 47 31.89 -19.07 -4.07
N VAL A 48 31.78 -18.07 -3.21
CA VAL A 48 31.96 -16.66 -3.58
C VAL A 48 32.83 -15.99 -2.53
N ASN A 49 33.90 -15.34 -2.97
CA ASN A 49 34.72 -14.50 -2.11
C ASN A 49 34.32 -13.07 -2.43
N PHE A 50 34.10 -12.25 -1.41
CA PHE A 50 33.85 -10.81 -1.65
C PHE A 50 34.41 -9.97 -0.54
N THR A 51 34.76 -8.73 -0.88
CA THR A 51 35.42 -7.80 0.03
C THR A 51 34.65 -6.50 0.12
N ILE A 52 34.34 -6.08 1.34
CA ILE A 52 33.65 -4.82 1.59
C ILE A 52 34.72 -3.71 1.48
N ILE A 53 34.34 -2.57 0.88
CA ILE A 53 35.23 -1.41 0.69
C ILE A 53 34.54 -0.23 1.41
N PRO A 54 35.08 0.22 2.57
CA PRO A 54 34.43 1.28 3.34
C PRO A 54 34.04 2.49 2.50
N GLY A 55 32.78 2.91 2.61
CA GLY A 55 32.24 4.04 1.86
C GLY A 55 31.95 3.79 0.40
N ALA A 56 32.09 2.55 -0.07
CA ALA A 56 31.88 2.21 -1.48
C ALA A 56 31.19 0.85 -1.60
N ASP A 57 30.93 0.44 -2.84
CA ASP A 57 30.33 -0.86 -3.10
C ASP A 57 31.32 -1.98 -2.75
N ALA A 58 30.81 -3.04 -2.13
CA ALA A 58 31.58 -4.25 -1.88
C ALA A 58 31.80 -4.88 -3.27
N ILE A 59 32.84 -5.68 -3.40
CA ILE A 59 33.18 -6.32 -4.68
C ILE A 59 33.37 -7.82 -4.56
N ILE A 60 32.85 -8.56 -5.55
CA ILE A 60 33.10 -9.98 -5.65
CA ILE A 60 33.12 -10.00 -5.65
C ILE A 60 34.55 -10.09 -6.16
N THR A 61 35.39 -10.89 -5.50
CA THR A 61 36.81 -11.07 -5.92
C THR A 61 37.11 -12.47 -6.47
N GLY A 62 36.19 -13.41 -6.28
CA GLY A 62 36.34 -14.75 -6.80
C GLY A 62 35.07 -15.56 -6.68
N TYR A 63 34.85 -16.47 -7.62
CA TYR A 63 33.70 -17.35 -7.56
C TYR A 63 33.89 -18.63 -8.33
N GLY A 64 33.05 -19.59 -8.00
CA GLY A 64 33.06 -20.89 -8.64
C GLY A 64 32.26 -21.88 -7.83
N THR A 65 32.67 -23.13 -7.91
CA THR A 65 32.05 -24.22 -7.12
C THR A 65 33.12 -24.82 -6.23
N TYR A 66 32.66 -25.53 -5.20
CA TYR A 66 33.56 -26.22 -4.29
C TYR A 66 33.01 -27.58 -3.92
N LYS A 67 33.90 -28.45 -3.47
CA LYS A 67 33.52 -29.79 -3.01
C LYS A 67 34.55 -30.31 -2.06
N GLN A 68 34.12 -30.84 -0.91
CA GLN A 68 35.02 -31.48 0.03
C GLN A 68 35.49 -32.80 -0.59
N LEU A 69 36.81 -33.06 -0.50
CA LEU A 69 37.43 -34.26 -1.08
C LEU A 69 37.77 -35.31 -0.03
N THR A 70 38.34 -34.86 1.08
CA THR A 70 38.72 -35.73 2.20
C THR A 70 38.38 -35.03 3.52
N ASP A 71 38.71 -35.67 4.63
CA ASP A 71 38.56 -35.10 5.97
C ASP A 71 39.29 -33.76 6.14
N ASP A 72 40.40 -33.54 5.44
CA ASP A 72 41.20 -32.33 5.57
C ASP A 72 41.52 -31.62 4.24
N SER A 73 40.70 -31.83 3.22
CA SER A 73 40.91 -31.11 1.95
C SER A 73 39.62 -30.88 1.21
N TYR A 74 39.54 -29.71 0.56
CA TYR A 74 38.43 -29.38 -0.32
C TYR A 74 38.99 -28.68 -1.55
N LYS A 75 38.20 -28.72 -2.61
CA LYS A 75 38.56 -28.20 -3.92
C LYS A 75 37.68 -27.00 -4.23
N GLU A 76 38.27 -25.92 -4.74
CA GLU A 76 37.53 -24.78 -5.27
C GLU A 76 37.81 -24.80 -6.77
N SER A 77 36.76 -25.02 -7.57
CA SER A 77 36.84 -24.99 -9.04
C SER A 77 36.48 -23.56 -9.36
N ILE A 78 37.51 -22.74 -9.48
CA ILE A 78 37.37 -21.29 -9.69
C ILE A 78 37.10 -20.94 -11.14
N GLU A 79 36.07 -20.13 -11.36
CA GLU A 79 35.74 -19.63 -12.68
C GLU A 79 36.61 -18.42 -12.91
N LYS A 80 36.46 -17.41 -12.06
CA LYS A 80 37.29 -16.20 -12.15
C LYS A 80 37.68 -15.72 -10.75
N ASN A 81 38.90 -15.21 -10.62
CA ASN A 81 39.45 -14.73 -9.35
C ASN A 81 40.35 -13.54 -9.65
N ILE A 82 39.86 -12.34 -9.39
CA ILE A 82 40.65 -11.10 -9.63
C ILE A 82 41.76 -10.91 -8.62
N HIS A 83 41.63 -11.49 -7.43
CA HIS A 83 42.67 -11.45 -6.41
C HIS A 83 43.87 -12.35 -6.83
N LEU A 84 43.59 -13.56 -7.34
CA LEU A 84 44.60 -14.57 -7.78
C LEU A 84 44.24 -15.07 -9.21
N PRO A 85 44.50 -14.24 -10.26
CA PRO A 85 44.15 -14.59 -11.65
C PRO A 85 44.69 -15.91 -12.21
N LEU A 87 44.46 -18.72 -10.84
CA LEU A 87 43.47 -19.75 -10.53
C LEU A 87 42.25 -19.77 -11.45
N ASP A 88 42.16 -18.85 -12.42
CA ASP A 88 41.02 -18.79 -13.36
C ASP A 88 40.89 -20.09 -14.16
N ASN A 89 39.67 -20.65 -14.17
CA ASN A 89 39.36 -21.92 -14.85
C ASN A 89 40.21 -23.13 -14.36
N GLN A 90 40.67 -23.08 -13.10
CA GLN A 90 41.48 -24.14 -12.48
C GLN A 90 40.84 -24.60 -11.18
N ASP A 91 41.30 -25.77 -10.73
CA ASP A 91 40.93 -26.33 -9.45
C ASP A 91 42.05 -25.96 -8.51
N ASN A 92 41.69 -25.40 -7.36
CA ASN A 92 42.64 -25.09 -6.29
C ASN A 92 42.31 -26.06 -5.16
N ILE A 93 43.29 -26.83 -4.70
CA ILE A 93 43.08 -27.82 -3.63
C ILE A 93 43.51 -27.14 -2.37
N LEU A 94 42.58 -26.96 -1.44
CA LEU A 94 42.85 -26.33 -0.17
C LEU A 94 42.86 -27.36 0.94
N GLU A 95 43.97 -27.41 1.66
CA GLU A 95 44.07 -28.28 2.83
CA GLU A 95 44.11 -28.26 2.86
C GLU A 95 43.50 -27.46 3.96
N PHE A 96 42.63 -28.07 4.76
CA PHE A 96 41.98 -27.33 5.83
C PHE A 96 41.84 -28.09 7.13
N GLU A 97 41.61 -27.31 8.18
CA GLU A 97 41.28 -27.78 9.50
C GLU A 97 40.35 -26.75 10.14
N ILE A 98 39.23 -27.21 10.71
CA ILE A 98 38.31 -26.35 11.46
C ILE A 98 38.65 -26.60 12.93
N LYS A 99 39.17 -25.57 13.61
CA LYS A 99 39.55 -25.66 15.03
C LYS A 99 38.46 -25.02 15.88
N ASP A 100 37.99 -25.75 16.90
CA ASP A 100 36.96 -25.30 17.86
C ASP A 100 35.63 -24.89 17.21
N ASN A 101 35.26 -25.57 16.12
CA ASN A 101 34.06 -25.29 15.28
C ASN A 101 34.04 -23.93 14.54
N ASP A 102 34.85 -22.95 14.96
CA ASP A 102 34.76 -21.55 14.51
C ASP A 102 35.87 -21.00 13.62
N TYR A 103 37.05 -21.61 13.63
CA TYR A 103 38.18 -21.13 12.85
C TYR A 103 38.56 -22.10 11.75
N LEU A 104 38.51 -21.63 10.50
CA LEU A 104 38.90 -22.39 9.33
C LEU A 104 40.33 -21.99 8.98
N HIS A 105 41.27 -22.91 9.16
CA HIS A 105 42.68 -22.69 8.84
C HIS A 105 42.92 -23.40 7.54
N LEU A 106 43.31 -22.66 6.50
CA LEU A 106 43.52 -23.28 5.19
CA LEU A 106 43.53 -23.20 5.16
C LEU A 106 44.92 -22.96 4.64
N LYS A 107 45.35 -23.83 3.75
CA LYS A 107 46.60 -23.65 3.04
C LYS A 107 46.45 -24.19 1.61
N TYR A 108 47.07 -23.49 0.67
CA TYR A 108 47.07 -23.89 -0.73
C TYR A 108 48.37 -23.44 -1.37
N PHE A 109 48.72 -24.14 -2.45
CA PHE A 109 50.01 -23.98 -3.13
C PHE A 109 49.83 -23.42 -4.52
N ILE A 110 50.61 -22.39 -4.86
CA ILE A 110 50.60 -21.77 -6.18
CA ILE A 110 50.60 -21.77 -6.19
C ILE A 110 51.98 -22.05 -6.78
N LYS A 111 52.00 -22.79 -7.89
CA LYS A 111 53.26 -23.17 -8.56
C LYS A 111 53.89 -21.96 -9.25
N SER A 112 53.11 -21.31 -10.10
CA SER A 112 53.54 -20.14 -10.89
C SER A 112 52.43 -19.08 -10.99
N ASP A 113 52.84 -17.83 -11.23
CA ASP A 113 51.87 -16.72 -11.47
C ASP A 113 51.49 -16.69 -12.98
N LEU A 114 50.60 -15.77 -13.36
CA LEU A 114 50.19 -15.65 -14.79
C LEU A 114 51.37 -15.40 -15.76
N ASN A 115 52.40 -14.68 -15.32
CA ASN A 115 53.62 -14.42 -16.11
C ASN A 115 54.58 -15.62 -16.24
N GLY A 116 54.32 -16.73 -15.53
CA GLY A 116 55.20 -17.90 -15.57
C GLY A 116 56.38 -17.80 -14.62
N ASN A 117 56.38 -16.80 -13.72
CA ASN A 117 57.43 -16.68 -12.70
C ASN A 117 57.17 -17.85 -11.76
N GLU A 118 58.13 -18.78 -11.70
CA GLU A 118 58.09 -19.93 -10.80
C GLU A 118 58.01 -19.34 -9.39
N LEU A 119 56.96 -19.73 -8.67
CA LEU A 119 56.62 -19.13 -7.38
C LEU A 119 56.82 -20.15 -6.25
N ASN A 120 56.24 -21.35 -6.40
CA ASN A 120 56.36 -22.47 -5.45
C ASN A 120 56.10 -22.09 -3.99
N THR A 121 54.98 -21.41 -3.80
CA THR A 121 54.64 -20.80 -2.53
C THR A 121 53.37 -21.37 -1.95
N TRP A 122 53.44 -21.70 -0.65
CA TRP A 122 52.27 -22.06 0.14
C TRP A 122 51.67 -20.75 0.69
N TYR A 123 50.34 -20.63 0.60
CA TYR A 123 49.59 -19.48 1.13
C TYR A 123 48.77 -20.01 2.28
N TYR A 124 48.75 -19.28 3.39
CA TYR A 124 48.01 -19.69 4.60
C TYR A 124 46.94 -18.64 4.88
N GLU A 125 45.76 -19.08 5.26
CA GLU A 125 44.65 -18.19 5.65
C GLU A 125 43.94 -18.71 6.88
N THR A 126 43.40 -17.78 7.68
CA THR A 126 42.54 -18.08 8.82
C THR A 126 41.25 -17.31 8.61
N TRP A 127 40.13 -18.02 8.67
CA TRP A 127 38.80 -17.44 8.54
C TRP A 127 38.01 -17.80 9.80
N LYS A 128 37.06 -16.95 10.19
CA LYS A 128 36.20 -17.21 11.36
C LYS A 128 34.76 -17.34 10.91
N ARG A 129 34.05 -18.33 11.43
CA ARG A 129 32.65 -18.57 11.07
C ARG A 129 31.77 -17.41 11.53
N VAL A 130 30.97 -16.85 10.63
CA VAL A 130 30.04 -15.76 10.96
C VAL A 130 28.79 -16.45 11.52
N GLU A 131 28.36 -16.02 12.70
CA GLU A 131 27.23 -16.59 13.43
C GLU A 131 26.21 -15.55 13.85
N PRO A 133 24.33 -13.94 16.86
CA PRO A 133 24.41 -13.84 18.32
C PRO A 133 23.01 -13.92 18.95
N ALA A 134 22.95 -14.04 20.27
CA ALA A 134 21.68 -14.14 21.02
C ALA A 134 20.75 -12.93 20.81
N LYS A 135 21.35 -11.74 20.82
CA LYS A 135 20.63 -10.47 20.69
C LYS A 135 21.25 -9.56 19.62
N PHE A 136 20.42 -8.75 18.98
CA PHE A 136 20.88 -7.77 17.99
C PHE A 136 21.47 -6.62 18.81
N PRO A 137 22.75 -6.24 18.58
CA PRO A 137 23.34 -5.15 19.40
C PRO A 137 22.73 -3.77 19.10
N GLU A 138 22.63 -2.91 20.11
CA GLU A 138 21.94 -1.58 19.98
C GLU A 138 22.56 -0.47 19.12
N ASP A 139 23.82 -0.12 19.34
CA ASP A 139 24.45 1.00 18.60
C ASP A 139 25.15 0.54 17.29
N ILE A 140 24.45 -0.22 16.43
CA ILE A 140 25.02 -0.79 15.20
C ILE A 140 24.45 -0.12 13.96
N VAL A 141 25.29 0.07 12.93
CA VAL A 141 24.86 0.66 11.66
C VAL A 141 24.57 -0.47 10.67
N ARG A 142 23.32 -0.57 10.21
CA ARG A 142 22.96 -1.58 9.23
C ARG A 142 23.35 -1.10 7.83
N ALA B 10 59.43 20.05 18.42
CA ALA B 10 58.75 19.27 17.35
C ALA B 10 57.35 19.80 17.07
N ASP B 11 56.86 19.62 15.85
CA ASP B 11 55.49 20.06 15.58
C ASP B 11 54.41 19.09 16.13
N LEU B 12 54.20 19.14 17.46
CA LEU B 12 53.15 18.35 18.12
C LEU B 12 51.75 18.92 17.89
N LYS B 13 51.63 20.25 17.81
CA LYS B 13 50.34 20.92 17.64
C LYS B 13 49.64 20.43 16.39
N GLY B 14 48.34 20.17 16.52
CA GLY B 14 47.52 19.72 15.41
C GLY B 14 46.49 18.71 15.81
N ILE B 15 45.89 18.10 14.79
CA ILE B 15 44.88 17.05 14.94
C ILE B 15 45.54 15.77 14.44
N TRP B 16 45.57 14.76 15.32
CA TRP B 16 46.20 13.48 15.06
C TRP B 16 45.14 12.38 15.00
N GLN B 17 45.30 11.43 14.08
CA GLN B 17 44.34 10.33 13.86
C GLN B 17 45.01 9.02 14.24
N LEU B 18 44.40 8.28 15.15
CA LEU B 18 44.96 7.01 15.61
C LEU B 18 45.02 6.04 14.45
N CYS B 19 46.14 5.34 14.33
CA CYS B 19 46.36 4.30 13.35
C CYS B 19 46.66 2.94 13.97
N HIS B 20 46.45 1.90 13.19
CA HIS B 20 46.82 0.52 13.53
C HIS B 20 47.76 0.02 12.49
N TYR B 21 48.66 -0.87 12.86
CA TYR B 21 49.58 -1.50 11.94
C TYR B 21 48.94 -2.83 11.59
N VAL B 22 48.75 -3.04 10.30
CA VAL B 22 47.97 -4.13 9.78
C VAL B 22 48.78 -4.92 8.72
N SER B 23 48.80 -6.23 8.88
CA SER B 23 49.36 -7.13 7.86
C SER B 23 48.46 -8.32 7.66
N GLU B 24 48.51 -8.88 6.46
CA GLU B 24 47.73 -10.06 6.10
C GLU B 24 48.29 -11.37 6.68
N SER B 25 49.55 -11.35 7.08
CA SER B 25 50.28 -12.49 7.65
C SER B 25 51.16 -12.02 8.80
N PRO B 26 51.43 -12.89 9.80
CA PRO B 26 52.36 -12.46 10.84
C PRO B 26 53.83 -12.27 10.39
N ASP B 27 54.20 -12.79 9.21
CA ASP B 27 55.57 -12.72 8.66
C ASP B 27 55.83 -11.55 7.71
N VAL B 28 54.79 -11.04 7.05
CA VAL B 28 54.96 -9.97 6.06
CA VAL B 28 54.93 -9.95 6.07
C VAL B 28 54.89 -8.59 6.76
N PRO B 29 55.84 -7.66 6.42
CA PRO B 29 55.79 -6.31 7.00
C PRO B 29 54.47 -5.62 6.67
N GLY B 30 53.87 -5.00 7.67
CA GLY B 30 52.56 -4.38 7.52
C GLY B 30 52.57 -2.96 7.01
N ALA B 31 51.37 -2.39 7.08
CA ALA B 31 51.12 -0.96 6.84
C ALA B 31 50.25 -0.27 7.91
N LEU B 32 50.52 1.02 8.12
CA LEU B 32 49.72 1.84 9.03
C LEU B 32 48.40 2.18 8.34
N LYS B 33 47.31 2.01 9.07
CA LYS B 33 45.95 2.27 8.56
C LYS B 33 45.22 3.17 9.57
N PRO B 34 44.62 4.27 9.10
CA PRO B 34 43.93 5.20 10.00
C PRO B 34 42.63 4.64 10.59
N SER B 35 42.32 5.00 11.83
CA SER B 35 41.13 4.51 12.52
C SER B 35 40.12 5.62 12.91
N ASN B 36 39.41 5.44 14.05
CA ASN B 36 38.28 6.29 14.46
C ASN B 36 38.52 7.30 15.57
N THR B 37 39.76 7.40 16.04
CA THR B 37 40.09 8.21 17.19
C THR B 37 41.00 9.36 16.82
N PHE B 38 40.75 10.51 17.44
CA PHE B 38 41.48 11.73 17.21
C PHE B 38 42.02 12.33 18.49
N LYS B 39 43.24 12.87 18.42
CA LYS B 39 43.85 13.63 19.51
C LYS B 39 44.04 15.04 19.01
N VAL B 40 43.42 15.99 19.70
CA VAL B 40 43.55 17.44 19.34
C VAL B 40 44.55 18.01 20.33
N LEU B 41 45.71 18.40 19.82
CA LEU B 41 46.76 19.06 20.62
C LEU B 41 46.71 20.53 20.18
N SER B 42 46.02 21.34 20.97
CA SER B 42 45.76 22.73 20.64
C SER B 42 47.00 23.60 20.77
N ASP B 43 46.92 24.77 20.15
CA ASP B 43 48.00 25.77 20.23
C ASP B 43 48.19 26.33 21.64
N ASP B 44 47.13 26.34 22.46
CA ASP B 44 47.18 26.85 23.85
C ASP B 44 47.40 25.78 24.93
N GLY B 45 47.98 24.64 24.55
CA GLY B 45 48.34 23.60 25.49
C GLY B 45 47.24 22.69 26.02
N ARG B 46 46.12 22.58 25.32
CA ARG B 46 45.04 21.67 25.72
C ARG B 46 45.11 20.39 24.87
N ILE B 47 44.75 19.27 25.49
CA ILE B 47 44.67 17.95 24.84
C ILE B 47 43.26 17.41 25.02
N VAL B 48 42.66 16.95 23.91
CA VAL B 48 41.37 16.26 23.93
C VAL B 48 41.47 15.03 23.03
N ASN B 49 41.08 13.87 23.56
CA ASN B 49 40.97 12.65 22.77
C ASN B 49 39.48 12.43 22.52
N PHE B 50 39.11 12.07 21.29
CA PHE B 50 37.73 11.69 21.00
C PHE B 50 37.64 10.62 19.92
N THR B 51 36.58 9.81 19.98
CA THR B 51 36.36 8.67 19.08
C THR B 51 35.01 8.78 18.42
N ILE B 52 35.01 8.61 17.09
CA ILE B 52 33.77 8.64 16.33
C ILE B 52 33.16 7.22 16.47
N ILE B 53 31.84 7.15 16.55
CA ILE B 53 31.09 5.89 16.62
C ILE B 53 30.11 5.95 15.42
N PRO B 54 30.42 5.24 14.29
CA PRO B 54 29.56 5.33 13.09
C PRO B 54 28.07 5.17 13.36
N GLY B 55 27.28 6.12 12.86
CA GLY B 55 25.83 6.15 13.07
C GLY B 55 25.34 6.62 14.43
N ALA B 56 26.24 7.04 15.31
CA ALA B 56 25.89 7.54 16.64
C ALA B 56 26.78 8.74 16.97
N ASP B 57 26.59 9.29 18.16
CA ASP B 57 27.37 10.43 18.59
C ASP B 57 28.82 10.05 18.84
N ALA B 58 29.74 10.89 18.38
CA ALA B 58 31.16 10.74 18.71
C ALA B 58 31.29 11.04 20.21
N ILE B 59 32.32 10.54 20.85
CA ILE B 59 32.50 10.72 22.29
C ILE B 59 33.88 11.24 22.64
N ILE B 60 33.94 12.20 23.57
CA ILE B 60 35.19 12.65 24.16
C ILE B 60 35.60 11.52 25.12
N THR B 61 36.82 11.03 25.02
CA THR B 61 37.31 9.95 25.93
C THR B 61 38.39 10.38 26.91
N GLY B 62 38.93 11.58 26.75
CA GLY B 62 39.96 12.09 27.62
C GLY B 62 40.30 13.53 27.36
N TYR B 63 40.69 14.25 28.41
CA TYR B 63 41.11 15.63 28.27
C TYR B 63 42.03 16.09 29.38
N GLY B 64 42.71 17.19 29.09
CA GLY B 64 43.60 17.83 30.01
C GLY B 64 44.46 18.86 29.31
N THR B 65 45.69 19.02 29.82
CA THR B 65 46.67 19.90 29.21
C THR B 65 47.90 19.05 28.84
N TYR B 66 48.75 19.63 28.00
CA TYR B 66 49.99 18.99 27.61
C TYR B 66 51.10 20.00 27.48
N LYS B 67 52.33 19.52 27.55
CA LYS B 67 53.52 20.34 27.40
C LYS B 67 54.69 19.47 26.99
N GLN B 68 55.46 19.91 25.98
CA GLN B 68 56.66 19.20 25.58
C GLN B 68 57.71 19.42 26.68
N LEU B 69 58.41 18.34 27.05
CA LEU B 69 59.45 18.36 28.10
C LEU B 69 60.86 18.31 27.54
N THR B 70 61.09 17.44 26.57
CA THR B 70 62.38 17.31 25.90
C THR B 70 62.14 17.11 24.39
N ASP B 71 63.22 16.93 23.64
CA ASP B 71 63.16 16.63 22.20
C ASP B 71 62.34 15.37 21.87
N ASP B 72 62.29 14.40 22.79
CA ASP B 72 61.57 13.14 22.58
C ASP B 72 60.60 12.75 23.70
N SER B 73 60.09 13.73 24.44
CA SER B 73 59.07 13.47 25.45
C SER B 73 58.14 14.65 25.66
N TYR B 74 56.88 14.35 25.89
CA TYR B 74 55.88 15.33 26.29
C TYR B 74 55.01 14.75 27.38
N LYS B 75 54.37 15.63 28.13
CA LYS B 75 53.54 15.31 29.27
C LYS B 75 52.09 15.61 28.93
N GLU B 76 51.17 14.69 29.26
CA GLU B 76 49.75 14.96 29.25
C GLU B 76 49.32 14.97 30.72
N SER B 77 48.82 16.11 31.21
CA SER B 77 48.28 16.23 32.57
C SER B 77 46.80 16.00 32.38
N ILE B 78 46.40 14.75 32.59
CA ILE B 78 45.06 14.29 32.33
C ILE B 78 44.13 14.61 33.49
N GLU B 79 43.01 15.23 33.18
CA GLU B 79 42.01 15.54 34.17
C GLU B 79 41.16 14.28 34.31
N LYS B 80 40.51 13.87 33.22
CA LYS B 80 39.70 12.64 33.22
C LYS B 80 39.92 11.89 31.90
N ASN B 81 39.96 10.56 32.00
CA ASN B 81 40.14 9.68 30.86
C ASN B 81 39.28 8.44 31.07
N ILE B 82 38.15 8.34 30.36
CA ILE B 82 37.24 7.18 30.47
C ILE B 82 37.80 5.93 29.80
N HIS B 83 38.69 6.10 28.83
CA HIS B 83 39.34 4.96 28.19
C HIS B 83 40.38 4.32 29.12
N LEU B 84 41.18 5.16 29.80
CA LEU B 84 42.24 4.72 30.74
C LEU B 84 42.06 5.48 32.10
N PRO B 85 41.05 5.08 32.91
CA PRO B 85 40.78 5.76 34.22
C PRO B 85 41.94 5.87 35.21
N LEU B 87 44.78 7.00 34.62
CA LEU B 87 45.46 8.27 34.33
C LEU B 87 44.75 9.53 34.88
N ASP B 88 43.56 9.38 35.50
CA ASP B 88 42.81 10.51 36.03
C ASP B 88 43.61 11.28 37.08
N ASN B 89 43.68 12.60 36.92
CA ASN B 89 44.44 13.49 37.81
C ASN B 89 45.95 13.14 37.90
N GLN B 90 46.50 12.53 36.85
CA GLN B 90 47.90 12.12 36.78
C GLN B 90 48.55 12.74 35.56
N ASP B 91 49.87 12.84 35.63
CA ASP B 91 50.70 13.26 34.54
C ASP B 91 51.15 11.95 33.89
N ASN B 92 51.01 11.87 32.58
CA ASN B 92 51.46 10.75 31.80
C ASN B 92 52.60 11.30 30.95
N ILE B 93 53.81 10.74 31.09
CA ILE B 93 54.97 11.18 30.33
C ILE B 93 55.07 10.26 29.12
N LEU B 94 54.89 10.83 27.93
CA LEU B 94 54.91 10.07 26.70
C LEU B 94 56.21 10.29 25.95
N GLU B 95 56.92 9.20 25.64
CA GLU B 95 58.14 9.23 24.83
C GLU B 95 57.60 9.26 23.41
N PHE B 96 58.12 10.15 22.57
CA PHE B 96 57.62 10.25 21.22
C PHE B 96 58.70 10.48 20.20
N GLU B 97 58.33 10.13 18.97
CA GLU B 97 59.13 10.38 17.79
C GLU B 97 58.16 10.66 16.64
N ILE B 98 58.39 11.74 15.91
CA ILE B 98 57.62 12.06 14.71
C ILE B 98 58.48 11.56 13.56
N LYS B 99 58.00 10.55 12.83
CA LYS B 99 58.71 9.99 11.66
C LYS B 99 58.11 10.55 10.39
N ASP B 100 58.97 11.09 9.51
CA ASP B 100 58.61 11.72 8.22
C ASP B 100 57.55 12.84 8.33
N ASN B 101 57.60 13.62 9.42
CA ASN B 101 56.67 14.76 9.73
C ASN B 101 55.19 14.41 9.97
N ASP B 102 54.79 13.20 9.58
CA ASP B 102 53.38 12.78 9.61
C ASP B 102 52.95 11.73 10.62
N TYR B 103 53.87 10.90 11.14
CA TYR B 103 53.53 9.80 12.06
C TYR B 103 54.10 10.02 13.45
N LEU B 104 53.23 10.11 14.44
CA LEU B 104 53.60 10.28 15.83
C LEU B 104 53.58 8.90 16.47
N HIS B 105 54.76 8.40 16.83
CA HIS B 105 54.92 7.11 17.50
C HIS B 105 55.15 7.42 18.95
N LEU B 106 54.24 6.96 19.83
CA LEU B 106 54.30 7.21 21.26
CA LEU B 106 54.38 7.25 21.24
C LEU B 106 54.40 5.97 22.09
N LYS B 107 55.03 6.09 23.25
CA LYS B 107 55.06 5.03 24.23
C LYS B 107 55.03 5.63 25.63
N TYR B 108 54.31 4.97 26.51
CA TYR B 108 54.21 5.39 27.90
C TYR B 108 54.09 4.17 28.80
N PHE B 109 54.47 4.37 30.06
CA PHE B 109 54.58 3.32 31.06
C PHE B 109 53.60 3.58 32.17
N ILE B 110 52.84 2.55 32.54
CA ILE B 110 51.89 2.60 33.65
C ILE B 110 52.47 1.65 34.70
N LYS B 111 52.80 2.20 35.87
CA LYS B 111 53.41 1.44 36.96
C LYS B 111 52.37 0.52 37.63
N SER B 112 51.19 1.07 37.98
CA SER B 112 50.13 0.32 38.69
C SER B 112 48.73 0.52 38.10
N ASP B 113 47.84 -0.43 38.39
CA ASP B 113 46.41 -0.37 37.97
C ASP B 113 45.62 0.45 39.02
N LEU B 114 44.31 0.60 38.79
CA LEU B 114 43.41 1.34 39.71
C LEU B 114 43.41 0.81 41.16
N ASN B 115 43.57 -0.51 41.32
CA ASN B 115 43.65 -1.15 42.65
C ASN B 115 45.01 -1.00 43.37
N GLY B 116 46.02 -0.43 42.71
CA GLY B 116 47.37 -0.29 43.28
C GLY B 116 48.29 -1.49 43.06
N ASN B 117 47.84 -2.49 42.29
CA ASN B 117 48.64 -3.69 41.99
C ASN B 117 49.69 -3.36 40.93
N GLU B 118 50.87 -3.99 41.05
CA GLU B 118 52.00 -3.73 40.13
C GLU B 118 51.66 -4.19 38.69
N LEU B 119 51.76 -3.26 37.74
CA LEU B 119 51.42 -3.51 36.32
C LEU B 119 52.70 -3.52 35.49
N ASN B 120 53.51 -2.45 35.62
CA ASN B 120 54.82 -2.30 34.95
C ASN B 120 54.80 -2.57 33.45
N THR B 121 53.84 -1.93 32.79
CA THR B 121 53.53 -2.19 31.39
C THR B 121 53.76 -0.98 30.51
N TRP B 122 54.44 -1.18 29.39
CA TRP B 122 54.61 -0.17 28.35
C TRP B 122 53.43 -0.26 27.40
N TYR B 123 52.86 0.89 27.03
CA TYR B 123 51.76 0.99 26.07
C TYR B 123 52.30 1.71 24.83
N TYR B 124 51.94 1.29 23.64
CA TYR B 124 52.42 1.89 22.38
C TYR B 124 51.25 2.41 21.58
N GLU B 125 51.43 3.55 20.91
CA GLU B 125 50.41 4.12 19.97
C GLU B 125 51.06 4.75 18.75
N THR B 126 50.33 4.78 17.64
CA THR B 126 50.79 5.39 16.41
C THR B 126 49.66 6.30 15.91
N TRP B 127 49.96 7.56 15.65
CA TRP B 127 48.98 8.52 15.16
C TRP B 127 49.49 9.14 13.87
N LYS B 128 48.59 9.59 12.99
CA LYS B 128 48.96 10.25 11.73
C LYS B 128 48.39 11.68 11.73
N ARG B 129 49.21 12.65 11.31
CA ARG B 129 48.80 14.08 11.30
C ARG B 129 47.70 14.31 10.27
N VAL B 130 46.60 14.92 10.69
CA VAL B 130 45.48 15.20 9.78
C VAL B 130 45.85 16.51 9.08
N GLU B 131 45.74 16.51 7.76
CA GLU B 131 46.12 17.66 6.94
C GLU B 131 45.00 18.06 6.00
N PRO B 133 44.03 18.62 2.28
CA PRO B 133 44.53 18.25 0.97
C PRO B 133 44.33 19.41 -0.01
N ALA B 134 44.91 19.28 -1.20
CA ALA B 134 44.83 20.35 -2.22
C ALA B 134 43.40 20.67 -2.60
N LYS B 135 42.57 19.64 -2.73
CA LYS B 135 41.16 19.81 -3.12
C LYS B 135 40.21 18.96 -2.29
N PHE B 136 38.97 19.41 -2.23
CA PHE B 136 37.93 18.70 -1.50
C PHE B 136 37.50 17.52 -2.39
N PRO B 137 37.58 16.27 -1.90
CA PRO B 137 37.26 15.13 -2.80
C PRO B 137 35.77 15.05 -3.14
N GLU B 138 35.46 14.60 -4.35
CA GLU B 138 34.07 14.48 -4.81
C GLU B 138 33.49 13.17 -4.20
N ASP B 139 32.18 13.15 -3.99
CA ASP B 139 31.45 11.96 -3.49
C ASP B 139 31.85 11.42 -2.09
N ILE B 140 32.15 12.34 -1.17
CA ILE B 140 32.35 12.00 0.24
C ILE B 140 31.10 12.53 0.97
N VAL B 141 30.77 11.86 2.06
CA VAL B 141 29.65 12.22 2.90
C VAL B 141 30.22 13.08 4.03
N ARG B 142 29.77 14.33 4.14
CA ARG B 142 30.15 15.22 5.23
C ARG B 142 29.35 14.88 6.47
N PHE C 7 5.11 -17.12 -14.61
CA PHE C 7 6.15 -16.07 -14.80
C PHE C 7 7.56 -16.63 -15.03
N LYS C 8 8.42 -15.81 -15.64
CA LYS C 8 9.84 -16.14 -15.85
C LYS C 8 10.63 -15.54 -14.66
N ALA C 9 11.48 -16.36 -14.04
CA ALA C 9 12.23 -15.93 -12.84
C ALA C 9 12.98 -14.60 -12.97
N ALA C 10 12.72 -13.65 -12.06
CA ALA C 10 13.50 -12.39 -11.94
C ALA C 10 14.89 -12.78 -11.43
N ASP C 11 15.88 -11.92 -11.67
CA ASP C 11 17.28 -12.18 -11.33
C ASP C 11 17.57 -11.85 -9.86
N LEU C 12 16.89 -12.53 -8.96
CA LEU C 12 17.03 -12.33 -7.51
C LEU C 12 18.29 -12.95 -6.93
N LYS C 13 18.71 -14.08 -7.49
CA LYS C 13 19.88 -14.83 -6.99
C LYS C 13 21.14 -13.97 -7.00
N GLY C 14 21.90 -14.03 -5.91
CA GLY C 14 23.14 -13.28 -5.77
C GLY C 14 23.35 -12.73 -4.36
N ILE C 15 24.30 -11.81 -4.27
CA ILE C 15 24.65 -11.14 -3.03
C ILE C 15 24.25 -9.69 -3.22
N TRP C 16 23.43 -9.18 -2.30
CA TRP C 16 22.90 -7.82 -2.34
C TRP C 16 23.43 -7.00 -1.17
N GLN C 17 23.73 -5.73 -1.40
CA GLN C 17 24.23 -4.81 -0.36
C GLN C 17 23.20 -3.74 -0.06
N LEU C 18 22.82 -3.64 1.22
CA LEU C 18 21.84 -2.64 1.66
C LEU C 18 22.39 -1.23 1.49
N CYS C 19 21.56 -0.35 0.95
CA CYS C 19 21.87 1.06 0.75
C CYS C 19 20.93 1.96 1.52
N HIS C 20 21.37 3.17 1.79
CA HIS C 20 20.55 4.20 2.43
C HIS C 20 20.76 5.51 1.64
N TYR C 21 19.94 6.49 1.96
CA TYR C 21 19.93 7.79 1.28
C TYR C 21 20.36 8.86 2.25
N VAL C 22 21.41 9.59 1.91
CA VAL C 22 21.97 10.65 2.77
C VAL C 22 21.74 12.01 2.13
N SER C 23 21.26 12.98 2.93
CA SER C 23 20.92 14.31 2.47
C SER C 23 21.32 15.39 3.46
N GLU C 24 21.52 16.60 2.94
CA GLU C 24 21.83 17.77 3.77
C GLU C 24 20.60 18.42 4.40
N SER C 25 19.40 18.10 3.92
CA SER C 25 18.13 18.66 4.43
C SER C 25 17.08 17.54 4.50
N PRO C 26 16.10 17.62 5.45
CA PRO C 26 15.08 16.55 5.49
C PRO C 26 14.11 16.53 4.29
N ASP C 27 14.06 17.63 3.52
CA ASP C 27 13.16 17.79 2.36
C ASP C 27 13.77 17.39 1.02
N VAL C 28 15.11 17.44 0.88
CA VAL C 28 15.79 17.09 -0.38
C VAL C 28 16.02 15.57 -0.43
N PRO C 29 15.64 14.88 -1.54
CA PRO C 29 15.95 13.44 -1.65
C PRO C 29 17.45 13.17 -1.56
N GLY C 30 17.82 12.16 -0.79
CA GLY C 30 19.22 11.86 -0.54
C GLY C 30 19.92 11.13 -1.66
N ALA C 31 21.26 11.11 -1.60
CA ALA C 31 22.08 10.37 -2.54
C ALA C 31 22.25 8.97 -1.97
N LEU C 32 22.25 7.97 -2.85
CA LEU C 32 22.34 6.57 -2.48
C LEU C 32 23.73 6.24 -2.02
N LYS C 33 23.85 5.60 -0.86
CA LYS C 33 25.14 5.18 -0.32
C LYS C 33 25.07 3.73 0.16
N PRO C 34 26.04 2.87 -0.24
CA PRO C 34 26.04 1.48 0.18
C PRO C 34 26.39 1.39 1.65
N SER C 35 25.80 0.43 2.36
CA SER C 35 26.02 0.29 3.80
C SER C 35 26.70 -1.03 4.20
N ASN C 36 26.39 -1.51 5.41
CA ASN C 36 27.08 -2.65 6.05
C ASN C 36 26.37 -3.98 6.06
N THR C 37 25.20 -4.06 5.45
CA THR C 37 24.36 -5.26 5.49
C THR C 37 24.27 -5.92 4.12
N PHE C 38 24.30 -7.25 4.15
CA PHE C 38 24.27 -8.08 2.95
C PHE C 38 23.18 -9.13 3.02
N LYS C 39 22.52 -9.36 1.89
CA LYS C 39 21.52 -10.41 1.75
C LYS C 39 22.06 -11.38 0.71
N VAL C 40 22.25 -12.65 1.12
CA VAL C 40 22.70 -13.71 0.23
C VAL C 40 21.45 -14.50 -0.16
N LEU C 41 21.07 -14.43 -1.44
CA LEU C 41 19.94 -15.20 -2.00
C LEU C 41 20.56 -16.27 -2.86
N SER C 42 20.67 -17.47 -2.29
CA SER C 42 21.36 -18.58 -2.95
C SER C 42 20.58 -19.20 -4.10
N ASP C 43 21.28 -19.97 -4.92
CA ASP C 43 20.68 -20.68 -6.05
C ASP C 43 19.70 -21.77 -5.61
N ASP C 44 19.89 -22.32 -4.41
CA ASP C 44 19.00 -23.39 -3.86
C ASP C 44 17.89 -22.89 -2.94
N GLY C 45 17.52 -21.61 -3.06
CA GLY C 45 16.42 -21.06 -2.29
C GLY C 45 16.66 -20.70 -0.83
N ARG C 46 17.91 -20.49 -0.41
CA ARG C 46 18.21 -20.04 0.99
C ARG C 46 18.48 -18.54 1.00
N ILE C 47 18.06 -17.91 2.11
CA ILE C 47 18.29 -16.48 2.36
C ILE C 47 19.04 -16.35 3.67
N VAL C 48 20.09 -15.53 3.65
CA VAL C 48 20.82 -15.13 4.87
C VAL C 48 21.06 -13.64 4.81
N ASN C 49 20.71 -12.93 5.88
CA ASN C 49 21.05 -11.52 6.06
C ASN C 49 22.19 -11.46 7.07
N PHE C 50 23.21 -10.66 6.80
CA PHE C 50 24.29 -10.44 7.77
C PHE C 50 24.82 -9.03 7.69
N THR C 51 25.34 -8.53 8.81
CA THR C 51 25.82 -7.16 8.95
C THR C 51 27.26 -7.16 9.45
N ILE C 52 28.12 -6.43 8.74
CA ILE C 52 29.51 -6.33 9.09
C ILE C 52 29.57 -5.24 10.17
N ILE C 53 30.46 -5.43 11.14
CA ILE C 53 30.68 -4.47 12.23
C ILE C 53 32.18 -4.13 12.08
N PRO C 54 32.54 -2.97 11.46
CA PRO C 54 33.95 -2.65 11.18
C PRO C 54 34.89 -2.85 12.37
N GLY C 55 35.95 -3.63 12.15
CA GLY C 55 36.92 -3.98 13.19
C GLY C 55 36.49 -5.04 14.19
N ALA C 56 35.32 -5.64 14.02
CA ALA C 56 34.77 -6.68 14.89
C ALA C 56 34.14 -7.79 14.01
N ASP C 57 33.63 -8.85 14.65
CA ASP C 57 33.01 -9.96 13.92
C ASP C 57 31.71 -9.50 13.27
N ALA C 58 31.49 -9.93 12.02
CA ALA C 58 30.20 -9.70 11.34
C ALA C 58 29.21 -10.60 12.03
N ILE C 59 27.93 -10.28 11.92
CA ILE C 59 26.87 -11.08 12.55
C ILE C 59 25.77 -11.45 11.57
N ILE C 60 25.31 -12.71 11.64
CA ILE C 60 24.12 -13.17 10.90
C ILE C 60 22.93 -12.54 11.65
N THR C 61 22.03 -11.87 10.94
CA THR C 61 20.85 -11.25 11.58
C THR C 61 19.52 -11.89 11.21
N GLY C 62 19.53 -12.77 10.21
CA GLY C 62 18.33 -13.45 9.78
C GLY C 62 18.62 -14.54 8.76
N TYR C 63 17.83 -15.60 8.79
CA TYR C 63 17.96 -16.66 7.81
C TYR C 63 16.69 -17.46 7.63
N GLY C 64 16.65 -18.18 6.51
CA GLY C 64 15.53 -19.01 6.16
C GLY C 64 15.60 -19.41 4.70
N THR C 65 14.43 -19.57 4.09
CA THR C 65 14.32 -19.87 2.68
C THR C 65 13.52 -18.76 2.00
N TYR C 66 13.64 -18.71 0.68
CA TYR C 66 12.89 -17.72 -0.12
C TYR C 66 12.41 -18.34 -1.42
N LYS C 67 11.37 -17.73 -1.99
CA LYS C 67 10.81 -18.16 -3.25
C LYS C 67 10.05 -17.03 -3.91
N GLN C 68 10.26 -16.81 -5.20
CA GLN C 68 9.51 -15.81 -5.94
C GLN C 68 8.07 -16.33 -6.10
N LEU C 69 7.09 -15.45 -5.88
CA LEU C 69 5.65 -15.77 -5.96
C LEU C 69 5.01 -15.23 -7.23
N THR C 70 5.30 -13.97 -7.57
CA THR C 70 4.78 -13.32 -8.78
C THR C 70 5.90 -12.49 -9.43
N ASP C 71 5.56 -11.78 -10.51
CA ASP C 71 6.49 -10.86 -11.20
C ASP C 71 7.08 -9.79 -10.28
N ASP C 72 6.32 -9.37 -9.27
CA ASP C 72 6.74 -8.31 -8.34
C ASP C 72 6.64 -8.66 -6.85
N SER C 73 6.68 -9.95 -6.51
CA SER C 73 6.68 -10.35 -5.09
C SER C 73 7.44 -11.65 -4.87
N TYR C 74 8.14 -11.70 -3.74
CA TYR C 74 8.81 -12.92 -3.28
C TYR C 74 8.58 -13.05 -1.77
N LYS C 75 8.71 -14.28 -1.30
CA LYS C 75 8.46 -14.66 0.06
C LYS C 75 9.77 -15.05 0.73
N GLU C 76 9.99 -14.57 1.95
CA GLU C 76 11.08 -15.05 2.81
C GLU C 76 10.40 -15.80 3.95
N SER C 77 10.65 -17.12 4.04
CA SER C 77 10.14 -17.96 5.13
C SER C 77 11.26 -17.93 6.15
N ILE C 78 11.15 -17.00 7.09
CA ILE C 78 12.19 -16.72 8.09
C ILE C 78 12.12 -17.70 9.24
N GLU C 79 13.27 -18.30 9.55
CA GLU C 79 13.38 -19.21 10.68
C GLU C 79 13.61 -18.34 11.90
N LYS C 80 14.68 -17.56 11.91
CA LYS C 80 14.98 -16.63 12.99
C LYS C 80 15.52 -15.31 12.42
N ASN C 81 15.11 -14.20 13.04
CA ASN C 81 15.54 -12.86 12.63
C ASN C 81 15.70 -12.02 13.90
N ILE C 82 16.95 -11.77 14.30
CA ILE C 82 17.23 -10.95 15.49
C ILE C 82 16.98 -9.45 15.26
N HIS C 83 17.03 -9.00 14.00
CA HIS C 83 16.73 -7.62 13.66
C HIS C 83 15.22 -7.34 13.80
N LEU C 84 14.39 -8.26 13.30
CA LEU C 84 12.91 -8.17 13.33
C LEU C 84 12.31 -9.49 13.91
N PRO C 85 12.40 -9.69 15.26
CA PRO C 85 11.93 -10.95 15.92
C PRO C 85 10.49 -11.36 15.67
N LEU C 87 9.09 -11.58 12.86
CA LEU C 87 9.10 -12.44 11.66
C LEU C 87 9.56 -13.89 11.90
N ASP C 88 9.94 -14.25 13.14
CA ASP C 88 10.41 -15.62 13.45
C ASP C 88 9.33 -16.66 13.16
N ASN C 89 9.70 -17.70 12.39
CA ASN C 89 8.77 -18.77 11.97
C ASN C 89 7.56 -18.27 11.16
N GLN C 90 7.73 -17.14 10.47
CA GLN C 90 6.67 -16.53 9.65
C GLN C 90 7.17 -16.34 8.23
N ASP C 91 6.21 -16.19 7.32
CA ASP C 91 6.46 -15.84 5.94
C ASP C 91 6.31 -14.32 5.86
N ASN C 92 7.30 -13.66 5.25
CA ASN C 92 7.27 -12.22 5.01
C ASN C 92 7.17 -12.10 3.50
N ILE C 93 6.12 -11.41 3.02
CA ILE C 93 5.93 -11.22 1.59
C ILE C 93 6.53 -9.88 1.26
N LEU C 94 7.58 -9.89 0.41
CA LEU C 94 8.25 -8.67 -0.01
C LEU C 94 7.84 -8.32 -1.44
N GLU C 95 7.34 -7.10 -1.63
CA GLU C 95 7.00 -6.55 -2.95
C GLU C 95 8.30 -6.02 -3.46
N PHE C 96 8.65 -6.35 -4.70
CA PHE C 96 9.94 -5.92 -5.23
C PHE C 96 9.90 -5.49 -6.67
N GLU C 97 10.95 -4.75 -7.03
CA GLU C 97 11.25 -4.33 -8.39
C GLU C 97 12.79 -4.25 -8.51
N ILE C 98 13.34 -4.85 -9.57
CA ILE C 98 14.77 -4.74 -9.88
C ILE C 98 14.84 -3.67 -10.97
N LYS C 99 15.46 -2.53 -10.65
CA LYS C 99 15.63 -1.42 -11.60
C LYS C 99 17.04 -1.45 -12.17
N ASP C 100 17.15 -1.42 -13.50
CA ASP C 100 18.43 -1.41 -14.24
C ASP C 100 19.34 -2.60 -13.92
N ASN C 101 18.74 -3.76 -13.64
CA ASN C 101 19.44 -5.02 -13.29
C ASN C 101 20.23 -5.03 -11.95
N ASP C 102 20.50 -3.86 -11.38
CA ASP C 102 21.41 -3.70 -10.23
C ASP C 102 20.79 -3.27 -8.91
N TYR C 103 19.60 -2.66 -8.91
CA TYR C 103 18.98 -2.16 -7.71
C TYR C 103 17.70 -2.90 -7.37
N LEU C 104 17.65 -3.52 -6.18
CA LEU C 104 16.50 -4.25 -5.70
C LEU C 104 15.77 -3.33 -4.74
N HIS C 105 14.59 -2.85 -5.14
CA HIS C 105 13.75 -1.97 -4.32
C HIS C 105 12.68 -2.86 -3.74
N LEU C 106 12.64 -2.97 -2.42
CA LEU C 106 11.66 -3.84 -1.77
C LEU C 106 10.84 -3.10 -0.71
N LYS C 107 9.64 -3.61 -0.48
CA LYS C 107 8.79 -3.12 0.57
C LYS C 107 8.02 -4.28 1.20
N TYR C 108 7.83 -4.19 2.51
CA TYR C 108 7.08 -5.19 3.26
C TYR C 108 6.37 -4.52 4.42
N PHE C 109 5.32 -5.19 4.89
CA PHE C 109 4.43 -4.66 5.89
C PHE C 109 4.50 -5.49 7.17
N ILE C 110 4.63 -4.81 8.32
CA ILE C 110 4.66 -5.44 9.64
C ILE C 110 3.40 -4.95 10.36
N LYS C 111 2.51 -5.88 10.71
CA LYS C 111 1.22 -5.57 11.36
C LYS C 111 1.41 -5.16 12.81
N SER C 112 2.11 -6.02 13.58
CA SER C 112 2.40 -5.83 15.04
C SER C 112 3.86 -6.04 15.38
N ASP C 113 4.32 -5.35 16.42
CA ASP C 113 5.73 -5.41 16.87
C ASP C 113 5.96 -6.57 17.84
N LEU C 114 7.20 -6.74 18.29
CA LEU C 114 7.58 -7.80 19.24
C LEU C 114 6.79 -7.75 20.57
N ASN C 115 6.43 -6.56 21.03
CA ASN C 115 5.61 -6.38 22.26
C ASN C 115 4.10 -6.65 22.09
N GLY C 116 3.64 -6.92 20.86
CA GLY C 116 2.22 -7.17 20.56
C GLY C 116 1.38 -5.94 20.21
N ASN C 117 2.00 -4.75 20.17
CA ASN C 117 1.31 -3.47 19.86
C ASN C 117 1.06 -3.33 18.35
N GLU C 118 -0.07 -2.72 17.98
CA GLU C 118 -0.42 -2.45 16.56
C GLU C 118 0.63 -1.49 15.96
N LEU C 119 1.25 -1.89 14.85
CA LEU C 119 2.32 -1.13 14.18
C LEU C 119 1.86 -0.60 12.81
N ASN C 120 1.36 -1.51 11.95
CA ASN C 120 0.81 -1.19 10.61
C ASN C 120 1.68 -0.31 9.74
N THR C 121 2.93 -0.74 9.65
CA THR C 121 3.98 0.02 9.03
C THR C 121 4.57 -0.69 7.82
N TRP C 122 4.72 0.06 6.74
CA TRP C 122 5.45 -0.39 5.56
C TRP C 122 6.93 -0.03 5.77
N TYR C 123 7.81 -0.98 5.44
CA TYR C 123 9.29 -0.81 5.52
C TYR C 123 9.79 -0.83 4.09
N TYR C 124 10.69 0.07 3.75
CA TYR C 124 11.24 0.20 2.40
C TYR C 124 12.74 -0.03 2.48
N GLU C 125 13.28 -0.77 1.50
CA GLU C 125 14.70 -1.03 1.42
C GLU C 125 15.16 -0.96 -0.04
N THR C 126 16.39 -0.51 -0.22
CA THR C 126 17.07 -0.51 -1.52
C THR C 126 18.36 -1.29 -1.30
N TRP C 127 18.58 -2.30 -2.13
CA TRP C 127 19.78 -3.09 -2.12
C TRP C 127 20.43 -2.98 -3.51
N LYS C 128 21.76 -3.09 -3.55
CA LYS C 128 22.51 -3.05 -4.80
C LYS C 128 23.22 -4.39 -5.00
N ARG C 129 23.14 -4.92 -6.23
CA ARG C 129 23.77 -6.20 -6.55
C ARG C 129 25.29 -6.09 -6.43
N VAL C 130 25.91 -6.98 -5.67
CA VAL C 130 27.39 -7.01 -5.52
C VAL C 130 27.92 -7.77 -6.74
N GLU C 131 28.86 -7.16 -7.45
CA GLU C 131 29.45 -7.69 -8.69
C GLU C 131 30.98 -7.71 -8.64
N PRO C 133 34.28 -6.47 -10.24
CA PRO C 133 34.78 -5.46 -11.17
C PRO C 133 35.85 -6.05 -12.11
N ALA C 134 36.23 -5.28 -13.14
CA ALA C 134 37.23 -5.71 -14.13
C ALA C 134 38.60 -6.04 -13.53
N LYS C 135 39.05 -5.21 -12.58
CA LYS C 135 40.36 -5.35 -11.92
C LYS C 135 40.23 -5.29 -10.39
N PHE C 136 41.15 -5.96 -9.70
CA PHE C 136 41.20 -5.93 -8.25
C PHE C 136 41.84 -4.56 -7.89
N PRO C 137 41.16 -3.72 -7.07
CA PRO C 137 41.73 -2.38 -6.78
C PRO C 137 43.03 -2.42 -5.93
N GLU C 138 43.93 -1.48 -6.21
CA GLU C 138 45.19 -1.36 -5.50
C GLU C 138 44.89 -0.68 -4.14
N ASP C 139 45.72 -0.97 -3.14
CA ASP C 139 45.62 -0.38 -1.79
C ASP C 139 44.28 -0.65 -1.03
N ILE C 140 43.78 -1.88 -1.17
CA ILE C 140 42.55 -2.34 -0.50
C ILE C 140 43.00 -3.25 0.64
N VAL C 141 42.28 -3.20 1.77
CA VAL C 141 42.52 -4.06 2.94
C VAL C 141 41.53 -5.24 2.83
N ARG C 142 42.03 -6.46 2.61
CA ARG C 142 41.18 -7.66 2.53
C ARG C 142 40.79 -8.11 3.92
N ALA D 10 28.00 32.86 25.53
CA ALA D 10 27.42 31.63 24.90
C ALA D 10 28.42 30.47 24.91
N ASP D 11 27.95 29.24 25.12
CA ASP D 11 28.79 28.04 25.22
C ASP D 11 29.17 27.48 23.83
N LEU D 12 29.87 28.29 23.03
CA LEU D 12 30.32 27.91 21.69
C LEU D 12 31.54 27.01 21.69
N LYS D 13 32.45 27.24 22.65
CA LYS D 13 33.69 26.46 22.76
C LYS D 13 33.39 24.98 22.88
N GLY D 14 34.13 24.18 22.14
CA GLY D 14 34.00 22.72 22.17
C GLY D 14 34.18 22.09 20.82
N ILE D 15 33.81 20.82 20.76
CA ILE D 15 33.87 20.02 19.54
C ILE D 15 32.44 19.74 19.15
N TRP D 16 32.09 20.12 17.91
CA TRP D 16 30.74 19.97 17.37
C TRP D 16 30.71 18.98 16.22
N GLN D 17 29.66 18.16 16.14
CA GLN D 17 29.52 17.11 15.11
C GLN D 17 28.37 17.47 14.20
N LEU D 18 28.66 17.59 12.90
CA LEU D 18 27.65 17.92 11.90
C LEU D 18 26.61 16.79 11.82
N CYS D 19 25.35 17.19 11.74
CA CYS D 19 24.24 16.24 11.54
C CYS D 19 23.79 16.32 10.10
N HIS D 20 23.26 15.21 9.59
CA HIS D 20 22.68 15.13 8.23
C HIS D 20 21.40 14.28 8.35
N TYR D 21 20.74 14.05 7.23
CA TYR D 21 19.46 13.33 7.18
C TYR D 21 19.63 12.02 6.43
N VAL D 22 19.33 10.93 7.11
CA VAL D 22 19.47 9.57 6.58
C VAL D 22 18.09 8.96 6.40
N SER D 23 17.86 8.35 5.25
CA SER D 23 16.59 7.69 4.95
C SER D 23 16.78 6.35 4.26
N GLU D 24 15.80 5.47 4.44
CA GLU D 24 15.76 4.15 3.83
C GLU D 24 15.31 4.17 2.37
N SER D 25 14.66 5.26 1.94
CA SER D 25 14.12 5.45 0.57
C SER D 25 14.33 6.89 0.13
N PRO D 26 14.43 7.15 -1.20
CA PRO D 26 14.56 8.57 -1.60
C PRO D 26 13.29 9.43 -1.39
N ASP D 27 12.14 8.79 -1.17
CA ASP D 27 10.84 9.45 -0.97
C ASP D 27 10.44 9.71 0.50
N VAL D 28 10.98 8.94 1.45
CA VAL D 28 10.68 9.11 2.89
C VAL D 28 11.64 10.18 3.46
N PRO D 29 11.11 11.20 4.20
CA PRO D 29 12.02 12.22 4.79
C PRO D 29 13.04 11.57 5.74
N GLY D 30 14.30 11.99 5.65
CA GLY D 30 15.35 11.42 6.48
C GLY D 30 15.28 11.85 7.92
N ALA D 31 15.82 10.99 8.79
CA ALA D 31 15.90 11.25 10.22
C ALA D 31 17.25 11.93 10.44
N LEU D 32 17.28 12.86 11.38
CA LEU D 32 18.50 13.58 11.73
C LEU D 32 19.44 12.61 12.43
N LYS D 33 20.68 12.54 11.94
CA LYS D 33 21.72 11.66 12.48
C LYS D 33 23.06 12.38 12.50
N PRO D 34 23.92 12.04 13.48
CA PRO D 34 25.27 12.59 13.47
C PRO D 34 26.07 12.05 12.31
N SER D 35 26.90 12.89 11.72
CA SER D 35 27.66 12.52 10.52
C SER D 35 29.17 12.48 10.72
N ASN D 36 29.93 12.79 9.66
CA ASN D 36 31.38 12.61 9.63
C ASN D 36 32.24 13.84 9.80
N THR D 37 31.62 15.00 10.02
CA THR D 37 32.33 16.27 10.06
C THR D 37 32.30 16.88 11.46
N PHE D 38 33.43 17.47 11.84
CA PHE D 38 33.61 18.07 13.15
C PHE D 38 34.10 19.49 13.04
N LYS D 39 33.60 20.36 13.92
CA LYS D 39 34.04 21.73 14.05
C LYS D 39 34.65 21.87 15.42
N VAL D 40 35.94 22.18 15.48
CA VAL D 40 36.64 22.42 16.74
C VAL D 40 36.69 23.93 16.95
N LEU D 41 35.97 24.42 17.96
CA LEU D 41 35.98 25.83 18.34
C LEU D 41 36.79 25.84 19.63
N SER D 42 38.08 26.17 19.50
CA SER D 42 39.02 26.12 20.62
C SER D 42 38.82 27.26 21.62
N ASP D 43 39.40 27.08 22.80
CA ASP D 43 39.36 28.08 23.88
C ASP D 43 40.13 29.36 23.51
N ASP D 44 41.14 29.23 22.64
CA ASP D 44 41.96 30.38 22.20
C ASP D 44 41.51 31.04 20.87
N GLY D 45 40.24 30.85 20.49
CA GLY D 45 39.67 31.51 19.33
C GLY D 45 40.00 30.95 17.96
N ARG D 46 40.42 29.69 17.87
CA ARG D 46 40.67 29.05 16.58
C ARG D 46 39.49 28.15 16.19
N ILE D 47 39.23 28.10 14.90
CA ILE D 47 38.21 27.23 14.30
C ILE D 47 38.88 26.29 13.31
N VAL D 48 38.57 25.00 13.41
CA VAL D 48 39.00 24.01 12.45
C VAL D 48 37.80 23.12 12.12
N ASN D 49 37.52 22.95 10.83
CA ASN D 49 36.54 21.98 10.34
C ASN D 49 37.33 20.81 9.79
N PHE D 50 36.92 19.59 10.11
CA PHE D 50 37.54 18.41 9.51
C PHE D 50 36.53 17.28 9.33
N THR D 51 36.76 16.43 8.33
CA THR D 51 35.84 15.36 7.95
C THR D 51 36.57 14.04 7.91
N ILE D 52 36.00 13.05 8.58
CA ILE D 52 36.57 11.69 8.59
C ILE D 52 36.10 11.05 7.27
N ILE D 53 36.95 10.24 6.66
CA ILE D 53 36.63 9.52 5.40
C ILE D 53 36.84 8.04 5.72
N PRO D 54 35.74 7.25 5.86
CA PRO D 54 35.88 5.82 6.18
C PRO D 54 36.89 5.10 5.29
N GLY D 55 37.81 4.38 5.93
CA GLY D 55 38.87 3.63 5.24
C GLY D 55 40.04 4.44 4.73
N ALA D 56 40.08 5.74 5.02
CA ALA D 56 41.14 6.61 4.57
C ALA D 56 41.47 7.65 5.61
N ASP D 57 42.40 8.54 5.29
CA ASP D 57 42.77 9.64 6.18
C ASP D 57 41.64 10.65 6.29
N ALA D 58 41.38 11.14 7.52
CA ALA D 58 40.49 12.27 7.74
C ALA D 58 41.17 13.49 7.12
N ILE D 59 40.40 14.51 6.77
CA ILE D 59 40.94 15.72 6.14
C ILE D 59 40.46 17.00 6.80
N ILE D 60 41.38 17.95 6.99
CA ILE D 60 41.02 19.28 7.43
C ILE D 60 40.37 19.94 6.19
N THR D 61 39.19 20.54 6.34
CA THR D 61 38.49 21.19 5.21
C THR D 61 38.39 22.70 5.34
N GLY D 62 38.69 23.25 6.51
CA GLY D 62 38.66 24.68 6.74
C GLY D 62 39.27 25.09 8.07
N TYR D 63 39.85 26.27 8.12
CA TYR D 63 40.40 26.79 9.36
C TYR D 63 40.53 28.30 9.37
N GLY D 64 40.69 28.82 10.58
CA GLY D 64 40.84 30.23 10.81
C GLY D 64 40.64 30.56 12.27
N THR D 65 40.10 31.76 12.54
CA THR D 65 39.76 32.19 13.88
C THR D 65 38.29 32.50 13.94
N TYR D 66 37.75 32.56 15.15
CA TYR D 66 36.36 32.87 15.36
C TYR D 66 36.18 33.75 16.61
N LYS D 67 35.07 34.48 16.66
CA LYS D 67 34.73 35.30 17.84
C LYS D 67 33.23 35.55 17.83
N GLN D 68 32.62 35.41 19.00
CA GLN D 68 31.20 35.72 19.16
C GLN D 68 31.03 37.24 19.08
N LEU D 69 30.01 37.69 18.35
CA LEU D 69 29.72 39.12 18.13
C LEU D 69 28.54 39.59 18.95
N THR D 70 27.46 38.82 18.96
CA THR D 70 26.23 39.14 19.71
C THR D 70 25.71 37.87 20.36
N ASP D 71 24.56 37.98 21.03
CA ASP D 71 23.87 36.83 21.62
C ASP D 71 23.53 35.71 20.61
N ASP D 72 23.31 36.07 19.35
CA ASP D 72 22.92 35.12 18.29
C ASP D 72 23.76 35.18 17.02
N SER D 73 25.00 35.67 17.13
CA SER D 73 25.89 35.68 15.96
C SER D 73 27.35 35.57 16.34
N TYR D 74 28.10 34.86 15.49
CA TYR D 74 29.55 34.75 15.63
C TYR D 74 30.17 34.81 14.25
N LYS D 75 31.45 35.18 14.22
CA LYS D 75 32.21 35.40 13.02
C LYS D 75 33.27 34.33 12.90
N GLU D 76 33.44 33.76 11.71
CA GLU D 76 34.57 32.88 11.38
C GLU D 76 35.40 33.65 10.36
N SER D 77 36.65 34.00 10.73
CA SER D 77 37.58 34.67 9.84
C SER D 77 38.36 33.50 9.26
N ILE D 78 37.90 33.05 8.10
CA ILE D 78 38.44 31.88 7.42
C ILE D 78 39.73 32.22 6.66
N GLU D 79 40.78 31.43 6.91
CA GLU D 79 42.07 31.53 6.21
C GLU D 79 41.87 30.77 4.89
N LYS D 80 41.59 29.47 4.98
CA LYS D 80 41.37 28.59 3.83
C LYS D 80 40.21 27.64 4.10
N ASN D 81 39.40 27.37 3.09
CA ASN D 81 38.27 26.45 3.18
C ASN D 81 38.16 25.72 1.82
N ILE D 82 38.56 24.45 1.77
CA ILE D 82 38.48 23.65 0.52
C ILE D 82 37.05 23.21 0.20
N HIS D 83 36.19 23.14 1.19
CA HIS D 83 34.77 22.83 1.00
C HIS D 83 34.04 24.02 0.32
N LEU D 84 34.30 25.24 0.81
CA LEU D 84 33.70 26.49 0.33
C LEU D 84 34.82 27.53 0.02
N PRO D 85 35.58 27.32 -1.07
CA PRO D 85 36.71 28.23 -1.44
C PRO D 85 36.40 29.74 -1.53
N LEU D 87 34.92 31.47 0.63
CA LEU D 87 35.14 32.03 1.98
C LEU D 87 36.61 32.26 2.35
N ASP D 88 37.55 31.89 1.46
CA ASP D 88 38.98 32.07 1.73
C ASP D 88 39.31 33.56 1.97
N ASN D 89 40.02 33.84 3.06
CA ASN D 89 40.41 35.20 3.47
C ASN D 89 39.24 36.15 3.70
N GLN D 90 38.07 35.59 4.05
CA GLN D 90 36.84 36.37 4.28
C GLN D 90 36.33 36.09 5.68
N ASP D 91 35.52 37.01 6.16
CA ASP D 91 34.76 36.85 7.39
C ASP D 91 33.41 36.31 6.98
N ASN D 92 32.95 35.26 7.64
CA ASN D 92 31.64 34.68 7.44
C ASN D 92 30.92 34.96 8.77
N ILE D 93 29.76 35.62 8.71
CA ILE D 93 28.95 35.92 9.88
C ILE D 93 27.91 34.82 9.96
N LEU D 94 27.95 34.04 11.02
CA LEU D 94 27.01 32.97 11.22
C LEU D 94 26.02 33.36 12.29
N GLU D 95 24.74 33.28 11.94
CA GLU D 95 23.65 33.48 12.89
CA GLU D 95 23.69 33.47 12.93
C GLU D 95 23.51 32.12 13.58
N PHE D 96 23.43 32.09 14.91
CA PHE D 96 23.30 30.84 15.63
C PHE D 96 22.35 30.86 16.80
N GLU D 97 21.96 29.64 17.18
CA GLU D 97 21.17 29.38 18.37
C GLU D 97 21.59 28.03 18.89
N ILE D 98 21.86 27.93 20.19
CA ILE D 98 22.15 26.68 20.84
C ILE D 98 20.84 26.27 21.53
N LYS D 99 20.24 25.17 21.09
CA LYS D 99 18.97 24.65 21.66
C LYS D 99 19.28 23.50 22.58
N ASP D 100 18.75 23.57 23.82
CA ASP D 100 18.91 22.54 24.86
C ASP D 100 20.38 22.22 25.22
N ASN D 101 21.25 23.24 25.16
CA ASN D 101 22.72 23.13 25.43
CA ASN D 101 22.69 23.16 25.42
C ASN D 101 23.52 22.29 24.43
N ASP D 102 22.86 21.40 23.67
CA ASP D 102 23.52 20.41 22.81
C ASP D 102 23.47 20.55 21.31
N TYR D 103 22.51 21.31 20.78
CA TYR D 103 22.39 21.50 19.33
C TYR D 103 22.69 22.93 18.90
N LEU D 104 23.68 23.08 18.00
CA LEU D 104 24.06 24.36 17.44
C LEU D 104 23.40 24.46 16.07
N HIS D 105 22.43 25.36 15.94
CA HIS D 105 21.71 25.60 14.69
C HIS D 105 22.30 26.86 14.13
N LEU D 106 22.89 26.76 12.94
CA LEU D 106 23.55 27.88 12.30
C LEU D 106 22.97 28.20 10.94
N LYS D 107 23.07 29.46 10.55
CA LYS D 107 22.73 29.88 9.20
C LYS D 107 23.66 30.99 8.74
N TYR D 108 24.05 30.92 7.47
CA TYR D 108 24.94 31.91 6.88
C TYR D 108 24.59 32.05 5.41
N PHE D 109 25.00 33.17 4.84
CA PHE D 109 24.66 33.54 3.49
C PHE D 109 25.91 33.63 2.64
N ILE D 110 25.88 33.02 1.45
CA ILE D 110 26.97 33.08 0.46
C ILE D 110 26.41 33.85 -0.76
N LYS D 111 27.03 34.98 -1.06
CA LYS D 111 26.57 35.87 -2.14
C LYS D 111 26.88 35.29 -3.52
N SER D 112 28.12 34.86 -3.72
CA SER D 112 28.59 34.33 -5.01
C SER D 112 29.34 33.00 -4.87
N ASP D 113 29.41 32.24 -5.98
CA ASP D 113 30.19 30.97 -6.04
C ASP D 113 31.67 31.29 -6.40
N LEU D 114 32.49 30.25 -6.49
CA LEU D 114 33.91 30.37 -6.85
C LEU D 114 34.19 31.11 -8.18
N ASN D 115 33.30 30.95 -9.16
CA ASN D 115 33.38 31.65 -10.47
C ASN D 115 32.92 33.12 -10.46
N GLY D 116 32.37 33.62 -9.35
CA GLY D 116 31.85 34.99 -9.25
C GLY D 116 30.39 35.14 -9.66
N ASN D 117 29.70 34.04 -9.97
CA ASN D 117 28.28 34.06 -10.38
C ASN D 117 27.39 34.27 -9.16
N GLU D 118 26.28 35.00 -9.34
CA GLU D 118 25.34 35.29 -8.22
C GLU D 118 24.69 34.00 -7.69
N LEU D 119 24.84 33.75 -6.39
CA LEU D 119 24.34 32.55 -5.72
C LEU D 119 23.17 32.94 -4.80
N ASN D 120 23.40 33.92 -3.93
CA ASN D 120 22.41 34.47 -2.99
C ASN D 120 21.64 33.40 -2.20
N THR D 121 22.42 32.50 -1.60
CA THR D 121 21.90 31.32 -0.92
C THR D 121 22.19 31.29 0.57
N TRP D 122 21.17 31.00 1.36
CA TRP D 122 21.30 30.78 2.80
C TRP D 122 21.62 29.30 2.99
N TYR D 123 22.59 29.00 3.84
CA TYR D 123 22.98 27.63 4.19
C TYR D 123 22.57 27.42 5.63
N TYR D 124 21.96 26.27 5.94
CA TYR D 124 21.50 25.93 7.28
C TYR D 124 22.24 24.68 7.73
N GLU D 125 22.70 24.67 8.98
CA GLU D 125 23.43 23.53 9.54
C GLU D 125 23.00 23.28 10.95
N THR D 126 22.99 21.99 11.34
CA THR D 126 22.74 21.56 12.71
C THR D 126 23.93 20.71 13.14
N TRP D 127 24.53 21.10 14.26
CA TRP D 127 25.69 20.42 14.84
C TRP D 127 25.30 20.00 16.25
N LYS D 128 25.87 18.91 16.73
CA LYS D 128 25.60 18.40 18.08
C LYS D 128 26.90 18.42 18.87
N ARG D 129 26.85 18.90 20.11
CA ARG D 129 28.01 18.99 20.98
C ARG D 129 28.54 17.61 21.31
N VAL D 130 29.84 17.39 21.08
CA VAL D 130 30.48 16.11 21.39
C VAL D 130 30.84 16.19 22.89
N GLU D 131 30.41 15.19 23.66
CA GLU D 131 30.61 15.17 25.11
C GLU D 131 31.30 13.89 25.55
N PRO D 133 30.88 10.82 27.85
CA PRO D 133 29.86 10.11 28.60
C PRO D 133 30.45 9.59 29.93
N ALA D 134 29.57 9.12 30.80
CA ALA D 134 29.97 8.62 32.12
C ALA D 134 30.92 7.43 32.06
N LYS D 135 30.70 6.55 31.08
CA LYS D 135 31.50 5.33 30.91
C LYS D 135 31.91 5.16 29.43
N PHE D 136 33.06 4.52 29.24
CA PHE D 136 33.55 4.19 27.92
C PHE D 136 32.72 2.97 27.46
N PRO D 137 32.02 3.08 26.30
CA PRO D 137 31.15 1.95 25.88
C PRO D 137 31.96 0.73 25.45
N GLU D 138 31.39 -0.44 25.70
CA GLU D 138 32.03 -1.70 25.32
C GLU D 138 31.79 -1.91 23.81
N ASP D 139 32.68 -2.66 23.18
CA ASP D 139 32.58 -3.07 21.77
C ASP D 139 32.55 -1.94 20.73
N ILE D 140 33.35 -0.89 20.96
CA ILE D 140 33.54 0.19 19.96
C ILE D 140 35.00 0.04 19.47
N VAL D 141 35.20 0.39 18.21
CA VAL D 141 36.51 0.33 17.56
C VAL D 141 37.15 1.70 17.71
N ARG D 142 38.29 1.77 18.38
CA ARG D 142 39.03 3.05 18.50
C ARG D 142 39.82 3.27 17.23
N GLN E 2 6.75 6.11 5.83
CA GLN E 2 5.63 6.51 4.91
C GLN E 2 6.14 7.56 3.92
N LYS E 3 5.90 7.33 2.63
CA LYS E 3 6.36 8.23 1.57
C LYS E 3 5.68 9.61 1.54
N LYS E 4 6.39 10.58 0.95
CA LYS E 4 5.94 11.97 0.79
C LYS E 4 6.83 12.66 -0.25
N THR E 5 6.34 12.84 -1.49
CA THR E 5 7.11 13.46 -2.61
C THR E 5 6.56 14.83 -3.07
N LYS E 6 7.24 15.46 -4.04
CA LYS E 6 6.83 16.74 -4.67
C LYS E 6 6.10 16.38 -5.98
N PHE E 7 4.95 15.71 -5.79
CA PHE E 7 4.07 15.21 -6.85
C PHE E 7 3.09 16.27 -7.38
N LYS E 8 2.61 16.07 -8.62
CA LYS E 8 1.56 16.90 -9.21
C LYS E 8 0.25 16.19 -8.83
N ALA E 9 -0.61 16.86 -8.08
CA ALA E 9 -1.86 16.25 -7.56
C ALA E 9 -2.70 15.53 -8.63
N ALA E 10 -2.97 14.23 -8.43
CA ALA E 10 -3.86 13.45 -9.32
C ALA E 10 -5.29 13.94 -9.10
N ASP E 11 -6.15 13.74 -10.11
CA ASP E 11 -7.59 14.15 -10.07
C ASP E 11 -8.40 13.08 -9.31
N LEU E 12 -8.07 12.90 -8.04
CA LEU E 12 -8.75 11.93 -7.16
C LEU E 12 -10.11 12.40 -6.67
N LYS E 13 -10.25 13.71 -6.44
CA LYS E 13 -11.48 14.30 -5.91
C LYS E 13 -12.67 14.02 -6.82
N GLY E 14 -13.79 13.63 -6.21
CA GLY E 14 -15.02 13.30 -6.93
C GLY E 14 -15.77 12.12 -6.34
N ILE E 15 -16.73 11.64 -7.12
CA ILE E 15 -17.55 10.49 -6.78
C ILE E 15 -17.18 9.37 -7.76
N TRP E 16 -16.78 8.23 -7.21
CA TRP E 16 -16.32 7.07 -7.97
C TRP E 16 -17.29 5.91 -7.79
N GLN E 17 -17.55 5.16 -8.87
CA GLN E 17 -18.47 4.03 -8.86
C GLN E 17 -17.69 2.74 -9.06
N LEU E 18 -17.81 1.80 -8.10
CA LEU E 18 -17.12 0.52 -8.18
C LEU E 18 -17.65 -0.31 -9.36
N CYS E 19 -16.72 -0.92 -10.09
CA CYS E 19 -17.04 -1.80 -11.18
C CYS E 19 -16.84 -3.23 -10.72
N HIS E 20 -17.59 -4.14 -11.32
CA HIS E 20 -17.49 -5.59 -11.07
C HIS E 20 -17.59 -6.31 -12.45
N TYR E 21 -17.57 -7.63 -12.43
CA TYR E 21 -17.57 -8.46 -13.65
C TYR E 21 -18.84 -9.29 -13.72
N VAL E 22 -19.58 -9.09 -14.81
CA VAL E 22 -20.87 -9.75 -15.01
C VAL E 22 -20.75 -10.68 -16.19
N SER E 23 -21.22 -11.92 -16.02
CA SER E 23 -21.20 -12.93 -17.08
CA SER E 23 -21.20 -12.92 -17.13
C SER E 23 -22.52 -13.68 -17.21
N GLU E 24 -22.80 -14.19 -18.41
CA GLU E 24 -23.99 -14.97 -18.72
C GLU E 24 -23.84 -16.44 -18.27
N SER E 25 -22.61 -16.91 -18.02
CA SER E 25 -22.31 -18.30 -17.59
C SER E 25 -21.21 -18.32 -16.54
N PRO E 26 -21.17 -19.38 -15.70
CA PRO E 26 -20.05 -19.46 -14.73
C PRO E 26 -18.67 -19.72 -15.33
N ASP E 27 -18.60 -20.18 -16.59
CA ASP E 27 -17.34 -20.48 -17.28
C ASP E 27 -16.75 -19.33 -18.09
N VAL E 28 -17.57 -18.39 -18.56
CA VAL E 28 -17.09 -17.26 -19.37
C VAL E 28 -16.62 -16.10 -18.47
N PRO E 29 -15.41 -15.52 -18.74
CA PRO E 29 -15.00 -14.33 -17.97
C PRO E 29 -15.99 -13.19 -18.12
N GLY E 30 -16.32 -12.52 -17.03
CA GLY E 30 -17.30 -11.43 -17.05
C GLY E 30 -16.78 -10.15 -17.66
N ALA E 31 -17.72 -9.35 -18.14
CA ALA E 31 -17.43 -8.05 -18.73
C ALA E 31 -17.51 -7.06 -17.56
N LEU E 32 -16.69 -6.02 -17.65
CA LEU E 32 -16.63 -4.97 -16.64
C LEU E 32 -17.89 -4.13 -16.73
N LYS E 33 -18.57 -3.96 -15.60
CA LYS E 33 -19.81 -3.17 -15.50
C LYS E 33 -19.82 -2.35 -14.22
N PRO E 34 -20.48 -1.17 -14.24
CA PRO E 34 -20.62 -0.38 -13.03
C PRO E 34 -21.56 -1.07 -12.05
N SER E 35 -21.24 -0.99 -10.76
CA SER E 35 -22.00 -1.69 -9.73
C SER E 35 -22.70 -0.76 -8.73
N ASN E 36 -22.85 -1.21 -7.48
CA ASN E 36 -23.67 -0.54 -6.46
C ASN E 36 -22.96 0.25 -5.40
N THR E 37 -21.63 0.33 -5.47
CA THR E 37 -20.82 0.97 -4.45
C THR E 37 -20.16 2.24 -4.96
N PHE E 38 -20.13 3.24 -4.09
CA PHE E 38 -19.59 4.55 -4.40
C PHE E 38 -18.57 4.99 -3.39
N LYS E 39 -17.51 5.65 -3.86
CA LYS E 39 -16.49 6.23 -3.01
C LYS E 39 -16.56 7.73 -3.25
N VAL E 40 -16.85 8.49 -2.20
CA VAL E 40 -16.87 9.96 -2.26
C VAL E 40 -15.52 10.43 -1.70
N LEU E 41 -14.70 11.01 -2.54
CA LEU E 41 -13.42 11.60 -2.15
C LEU E 41 -13.66 13.10 -2.22
N SER E 42 -13.92 13.70 -1.08
CA SER E 42 -14.28 15.12 -1.00
C SER E 42 -13.10 16.06 -1.22
N ASP E 43 -13.42 17.31 -1.50
CA ASP E 43 -12.40 18.37 -1.67
C ASP E 43 -11.65 18.66 -0.37
N ASP E 44 -12.28 18.44 0.79
CA ASP E 44 -11.67 18.68 2.11
C ASP E 44 -11.00 17.44 2.75
N GLY E 45 -10.65 16.45 1.94
CA GLY E 45 -9.91 15.28 2.42
C GLY E 45 -10.68 14.21 3.15
N ARG E 46 -11.99 14.11 2.97
CA ARG E 46 -12.80 13.05 3.58
C ARG E 46 -13.11 11.97 2.57
N ILE E 47 -13.14 10.73 3.06
CA ILE E 47 -13.49 9.56 2.24
C ILE E 47 -14.70 8.88 2.88
N VAL E 48 -15.69 8.56 2.05
CA VAL E 48 -16.84 7.77 2.46
C VAL E 48 -17.12 6.73 1.37
N ASN E 49 -17.24 5.47 1.77
CA ASN E 49 -17.65 4.38 0.89
C ASN E 49 -19.08 4.08 1.27
N PHE E 50 -19.96 3.95 0.29
CA PHE E 50 -21.34 3.52 0.58
C PHE E 50 -21.88 2.67 -0.55
N THR E 51 -22.81 1.78 -0.21
CA THR E 51 -23.38 0.82 -1.13
C THR E 51 -24.90 0.93 -1.13
N ILE E 52 -25.46 1.04 -2.34
CA ILE E 52 -26.90 1.08 -2.51
C ILE E 52 -27.39 -0.39 -2.44
N ILE E 53 -28.55 -0.62 -1.81
CA ILE E 53 -29.13 -1.93 -1.66
C ILE E 53 -30.51 -1.84 -2.33
N PRO E 54 -30.70 -2.46 -3.52
CA PRO E 54 -31.99 -2.35 -4.25
C PRO E 54 -33.19 -2.64 -3.36
N GLY E 55 -34.15 -1.73 -3.37
CA GLY E 55 -35.37 -1.85 -2.55
C GLY E 55 -35.22 -1.55 -1.06
N ALA E 56 -34.05 -1.10 -0.63
CA ALA E 56 -33.76 -0.84 0.78
C ALA E 56 -32.88 0.41 0.94
N ASP E 57 -32.58 0.76 2.18
CA ASP E 57 -31.71 1.90 2.48
C ASP E 57 -30.28 1.60 2.05
N ALA E 58 -29.62 2.59 1.44
CA ALA E 58 -28.20 2.49 1.11
C ALA E 58 -27.48 2.52 2.46
N ILE E 59 -26.27 1.99 2.49
CA ILE E 59 -25.50 1.93 3.73
C ILE E 59 -24.09 2.47 3.55
N ILE E 60 -23.64 3.24 4.54
CA ILE E 60 -22.25 3.68 4.61
C ILE E 60 -21.47 2.42 5.05
N THR E 61 -20.41 2.06 4.34
CA THR E 61 -19.60 0.87 4.69
C THR E 61 -18.20 1.20 5.19
N GLY E 62 -17.77 2.45 5.02
CA GLY E 62 -16.47 2.89 5.49
C GLY E 62 -16.31 4.39 5.42
N TYR E 63 -15.54 4.95 6.33
CA TYR E 63 -15.26 6.38 6.30
C TYR E 63 -13.99 6.74 7.03
N GLY E 64 -13.50 7.94 6.72
CA GLY E 64 -12.31 8.48 7.33
C GLY E 64 -11.82 9.66 6.52
N THR E 65 -10.49 9.84 6.51
CA THR E 65 -9.85 10.89 5.73
C THR E 65 -8.87 10.23 4.76
N TYR E 66 -8.48 10.99 3.75
CA TYR E 66 -7.53 10.52 2.75
C TYR E 66 -6.58 11.62 2.33
N LYS E 67 -5.44 11.21 1.80
CA LYS E 67 -4.40 12.13 1.35
C LYS E 67 -3.52 11.44 0.36
N GLN E 68 -3.23 12.11 -0.77
CA GLN E 68 -2.28 11.58 -1.75
C GLN E 68 -0.87 11.69 -1.15
N LEU E 69 -0.09 10.62 -1.30
CA LEU E 69 1.28 10.53 -0.77
C LEU E 69 2.35 10.69 -1.85
N THR E 70 2.17 9.99 -2.97
CA THR E 70 3.09 10.02 -4.11
C THR E 70 2.28 10.08 -5.41
N ASP E 71 2.97 10.08 -6.54
CA ASP E 71 2.36 10.05 -7.87
C ASP E 71 1.41 8.86 -8.07
N ASP E 72 1.69 7.72 -7.41
CA ASP E 72 0.90 6.50 -7.56
C ASP E 72 0.44 5.87 -6.23
N SER E 73 0.33 6.67 -5.16
CA SER E 73 -0.19 6.15 -3.90
C SER E 73 -0.93 7.21 -3.08
N TYR E 74 -2.00 6.77 -2.43
CA TYR E 74 -2.73 7.61 -1.51
C TYR E 74 -3.09 6.76 -0.29
N LYS E 75 -3.36 7.46 0.80
CA LYS E 75 -3.63 6.88 2.10
C LYS E 75 -5.06 7.13 2.48
N GLU E 76 -5.76 6.11 2.97
CA GLU E 76 -7.07 6.27 3.59
C GLU E 76 -6.85 5.97 5.07
N SER E 77 -7.09 6.97 5.92
CA SER E 77 -6.99 6.84 7.39
C SER E 77 -8.42 6.52 7.78
N ILE E 78 -8.69 5.22 7.87
CA ILE E 78 -10.03 4.71 8.12
C ILE E 78 -10.38 4.73 9.58
N GLU E 79 -11.55 5.31 9.88
CA GLU E 79 -12.05 5.33 11.24
C GLU E 79 -12.75 3.99 11.45
N LYS E 80 -13.78 3.73 10.66
CA LYS E 80 -14.50 2.45 10.76
C LYS E 80 -14.82 1.95 9.35
N ASN E 81 -14.73 0.63 9.17
CA ASN E 81 -15.01 -0.03 7.89
C ASN E 81 -15.69 -1.36 8.18
N ILE E 82 -17.01 -1.43 7.98
CA ILE E 82 -17.76 -2.68 8.20
C ILE E 82 -17.49 -3.74 7.13
N HIS E 83 -17.08 -3.32 5.93
CA HIS E 83 -16.70 -4.25 4.86
C HIS E 83 -15.38 -4.96 5.20
N LEU E 84 -14.40 -4.20 5.68
CA LEU E 84 -13.05 -4.68 6.06
C LEU E 84 -12.68 -4.19 7.49
N PRO E 85 -13.27 -4.81 8.54
CA PRO E 85 -13.04 -4.39 9.95
C PRO E 85 -11.58 -4.35 10.43
N LEU E 87 -9.19 -2.92 8.97
CA LEU E 87 -8.70 -1.55 8.67
C LEU E 87 -9.16 -0.47 9.67
N ASP E 88 -9.98 -0.82 10.68
CA ASP E 88 -10.49 0.16 11.65
C ASP E 88 -9.35 0.82 12.40
N ASN E 89 -9.36 2.16 12.46
CA ASN E 89 -8.33 2.97 13.12
C ASN E 89 -6.92 2.76 12.56
N GLN E 90 -6.84 2.36 11.28
CA GLN E 90 -5.57 2.11 10.58
C GLN E 90 -5.49 2.97 9.33
N ASP E 91 -4.27 3.13 8.85
CA ASP E 91 -3.99 3.75 7.58
C ASP E 91 -3.87 2.61 6.57
N ASN E 92 -4.56 2.74 5.45
CA ASN E 92 -4.48 1.77 4.35
C ASN E 92 -3.79 2.55 3.24
N ILE E 93 -2.68 2.03 2.72
CA ILE E 93 -1.95 2.67 1.62
C ILE E 93 -2.45 2.00 0.34
N LEU E 94 -3.10 2.78 -0.52
CA LEU E 94 -3.62 2.29 -1.78
C LEU E 94 -2.70 2.75 -2.90
N GLU E 95 -2.22 1.79 -3.69
CA GLU E 95 -1.44 2.06 -4.90
C GLU E 95 -2.49 2.33 -5.97
N PHE E 96 -2.37 3.43 -6.74
CA PHE E 96 -3.37 3.77 -7.74
C PHE E 96 -2.82 4.30 -9.04
N GLU E 97 -3.68 4.23 -10.06
CA GLU E 97 -3.46 4.80 -11.38
C GLU E 97 -4.82 5.23 -11.93
N ILE E 98 -4.92 6.46 -12.44
CA ILE E 98 -6.12 6.95 -13.13
C ILE E 98 -5.81 6.78 -14.63
N LYS E 99 -6.54 5.90 -15.31
CA LYS E 99 -6.36 5.66 -16.76
C LYS E 99 -7.46 6.40 -17.52
N ASP E 100 -7.05 7.18 -18.53
CA ASP E 100 -7.94 7.94 -19.42
C ASP E 100 -8.87 8.91 -18.68
N ASN E 101 -8.38 9.47 -17.57
CA ASN E 101 -9.13 10.40 -16.69
C ASN E 101 -10.36 9.84 -15.96
N ASP E 102 -10.89 8.69 -16.40
CA ASP E 102 -12.16 8.13 -15.92
C ASP E 102 -12.12 6.86 -15.08
N TYR E 103 -11.04 6.09 -15.14
CA TYR E 103 -10.93 4.82 -14.41
C TYR E 103 -9.84 4.85 -13.35
N LEU E 104 -10.22 4.63 -12.09
CA LEU E 104 -9.32 4.58 -10.96
C LEU E 104 -9.05 3.11 -10.69
N HIS E 105 -7.81 2.68 -10.93
CA HIS E 105 -7.38 1.30 -10.70
C HIS E 105 -6.59 1.34 -9.43
N LEU E 106 -7.05 0.62 -8.40
CA LEU E 106 -6.42 0.59 -7.09
CA LEU E 106 -6.34 0.62 -7.11
C LEU E 106 -6.02 -0.79 -6.64
N LYS E 107 -5.01 -0.86 -5.78
CA LYS E 107 -4.60 -2.11 -5.15
C LYS E 107 -4.12 -1.82 -3.74
N TYR E 108 -4.46 -2.72 -2.83
CA TYR E 108 -4.05 -2.63 -1.43
C TYR E 108 -3.91 -4.02 -0.86
N PHE E 109 -3.13 -4.11 0.20
CA PHE E 109 -2.72 -5.38 0.80
C PHE E 109 -3.27 -5.49 2.21
N ILE E 110 -3.87 -6.64 2.51
CA ILE E 110 -4.39 -6.95 3.84
C ILE E 110 -3.51 -8.11 4.35
N LYS E 111 -2.77 -7.88 5.44
CA LYS E 111 -1.83 -8.86 6.01
C LYS E 111 -2.58 -9.98 6.69
N SER E 112 -3.47 -9.61 7.61
CA SER E 112 -4.22 -10.56 8.44
C SER E 112 -5.71 -10.24 8.48
N ASP E 113 -6.50 -11.26 8.82
CA ASP E 113 -7.96 -11.12 9.00
C ASP E 113 -8.23 -10.65 10.45
N LEU E 114 -9.51 -10.47 10.78
CA LEU E 114 -9.90 -10.01 12.15
C LEU E 114 -9.39 -10.90 13.28
N ASN E 115 -9.33 -12.22 13.02
CA ASN E 115 -8.83 -13.20 14.00
C ASN E 115 -7.30 -13.24 14.16
N GLY E 116 -6.57 -12.49 13.34
CA GLY E 116 -5.11 -12.47 13.38
C GLY E 116 -4.44 -13.53 12.51
N ASN E 117 -5.24 -14.29 11.74
CA ASN E 117 -4.71 -15.36 10.85
C ASN E 117 -4.09 -14.73 9.61
N GLU E 118 -3.03 -15.33 9.10
CA GLU E 118 -2.29 -14.81 7.95
C GLU E 118 -3.15 -14.85 6.67
N LEU E 119 -3.30 -13.70 6.02
CA LEU E 119 -4.12 -13.55 4.81
C LEU E 119 -3.17 -13.27 3.61
N ASN E 120 -2.30 -12.26 3.74
CA ASN E 120 -1.30 -11.85 2.76
C ASN E 120 -1.86 -11.73 1.33
N THR E 121 -2.97 -10.98 1.23
CA THR E 121 -3.74 -10.89 0.00
C THR E 121 -3.79 -9.47 -0.54
N TRP E 122 -3.52 -9.33 -1.84
CA TRP E 122 -3.69 -8.07 -2.55
C TRP E 122 -5.12 -8.04 -3.04
N TYR E 123 -5.77 -6.89 -2.87
CA TYR E 123 -7.15 -6.64 -3.36
C TYR E 123 -7.02 -5.62 -4.48
N TYR E 124 -7.71 -5.86 -5.60
CA TYR E 124 -7.68 -5.02 -6.78
C TYR E 124 -9.07 -4.49 -7.03
N GLU E 125 -9.18 -3.20 -7.33
CA GLU E 125 -10.48 -2.58 -7.60
C GLU E 125 -10.35 -1.64 -8.78
N THR E 126 -11.44 -1.55 -9.54
CA THR E 126 -11.58 -0.60 -10.63
C THR E 126 -12.82 0.21 -10.33
N TRP E 127 -12.67 1.54 -10.30
CA TRP E 127 -13.76 2.47 -10.09
C TRP E 127 -13.84 3.38 -11.29
N LYS E 128 -15.05 3.85 -11.62
CA LYS E 128 -15.26 4.77 -12.73
C LYS E 128 -15.79 6.11 -12.20
N ARG E 129 -15.24 7.22 -12.71
CA ARG E 129 -15.63 8.56 -12.28
C ARG E 129 -17.08 8.85 -12.67
N VAL E 130 -17.90 9.28 -11.71
CA VAL E 130 -19.30 9.63 -11.99
C VAL E 130 -19.26 11.06 -12.51
N GLU E 131 -19.91 11.30 -13.64
CA GLU E 131 -19.92 12.60 -14.33
C GLU E 131 -21.33 13.08 -14.66
N PRO E 133 -23.71 14.17 -17.54
CA PRO E 133 -23.82 14.12 -19.01
C PRO E 133 -24.40 15.44 -19.55
N ALA E 134 -24.38 15.60 -20.87
CA ALA E 134 -24.89 16.82 -21.54
C ALA E 134 -26.38 17.09 -21.27
N LYS E 135 -27.20 16.03 -21.29
CA LYS E 135 -28.65 16.12 -21.09
C LYS E 135 -29.13 15.10 -20.04
N PHE E 136 -30.20 15.46 -19.33
CA PHE E 136 -30.83 14.56 -18.36
C PHE E 136 -31.62 13.55 -19.18
N PRO E 137 -31.37 12.22 -19.02
CA PRO E 137 -32.09 11.24 -19.85
C PRO E 137 -33.59 11.15 -19.49
N GLU E 138 -34.44 10.89 -20.48
CA GLU E 138 -35.92 10.90 -20.29
C GLU E 138 -36.60 9.83 -19.45
N ASP E 139 -36.34 8.56 -19.74
CA ASP E 139 -37.01 7.44 -19.04
C ASP E 139 -36.25 6.99 -17.77
N ILE E 140 -35.85 7.93 -16.90
CA ILE E 140 -35.02 7.63 -15.71
C ILE E 140 -35.85 7.72 -14.44
N VAL E 141 -35.62 6.80 -13.51
CA VAL E 141 -36.31 6.77 -12.22
C VAL E 141 -35.37 7.41 -11.20
N ARG E 142 -35.76 8.58 -10.68
CA ARG E 142 -34.97 9.29 -9.67
C ARG E 142 -35.18 8.63 -8.30
N PHE F 7 -72.29 -10.41 -24.65
CA PHE F 7 -71.05 -9.60 -24.79
C PHE F 7 -70.02 -10.20 -25.77
N LYS F 8 -69.14 -9.34 -26.31
CA LYS F 8 -68.00 -9.77 -27.16
C LYS F 8 -66.81 -10.01 -26.21
N ALA F 9 -66.14 -11.15 -26.35
CA ALA F 9 -65.04 -11.54 -25.44
C ALA F 9 -64.01 -10.41 -25.23
N ALA F 10 -63.84 -9.96 -23.98
CA ALA F 10 -62.90 -8.86 -23.65
C ALA F 10 -61.46 -9.35 -23.81
N ASP F 11 -60.55 -8.41 -24.09
CA ASP F 11 -59.12 -8.70 -24.29
C ASP F 11 -58.38 -8.85 -22.94
N LEU F 12 -58.80 -9.85 -22.16
CA LEU F 12 -58.18 -10.13 -20.84
C LEU F 12 -56.85 -10.86 -20.94
N LYS F 13 -56.71 -11.73 -21.94
CA LYS F 13 -55.51 -12.53 -22.15
C LYS F 13 -54.28 -11.65 -22.30
N GLY F 14 -53.21 -12.02 -21.60
CA GLY F 14 -51.94 -11.29 -21.63
C GLY F 14 -51.24 -11.25 -20.29
N ILE F 15 -50.23 -10.38 -20.22
CA ILE F 15 -49.42 -10.15 -19.03
C ILE F 15 -49.77 -8.75 -18.56
N TRP F 16 -50.21 -8.64 -17.31
CA TRP F 16 -50.65 -7.38 -16.70
C TRP F 16 -49.71 -6.99 -15.57
N GLN F 17 -49.41 -5.70 -15.46
CA GLN F 17 -48.50 -5.18 -14.45
C GLN F 17 -49.29 -4.33 -13.46
N LEU F 18 -49.22 -4.69 -12.17
CA LEU F 18 -49.93 -3.95 -11.13
C LEU F 18 -49.36 -2.54 -11.00
N CYS F 19 -50.27 -1.58 -10.87
CA CYS F 19 -49.90 -0.19 -10.66
C CYS F 19 -50.16 0.15 -9.22
N HIS F 20 -49.42 1.12 -8.71
CA HIS F 20 -49.58 1.67 -7.37
C HIS F 20 -49.46 3.21 -7.47
N TYR F 21 -49.58 3.90 -6.35
CA TYR F 21 -49.57 5.36 -6.30
C TYR F 21 -48.32 5.84 -5.60
N VAL F 22 -47.55 6.66 -6.31
CA VAL F 22 -46.27 7.16 -5.83
C VAL F 22 -46.37 8.66 -5.67
N SER F 23 -45.92 9.14 -4.52
CA SER F 23 -45.91 10.57 -4.24
C SER F 23 -44.61 11.04 -3.65
N GLU F 24 -44.30 12.31 -3.92
CA GLU F 24 -43.11 13.00 -3.43
C GLU F 24 -43.26 13.43 -1.95
N SER F 25 -44.50 13.50 -1.43
CA SER F 25 -44.81 13.89 -0.02
C SER F 25 -45.98 13.06 0.50
N PRO F 26 -46.08 12.89 1.84
CA PRO F 26 -47.27 12.18 2.36
C PRO F 26 -48.61 12.92 2.20
N ASP F 27 -48.58 14.24 1.92
CA ASP F 27 -49.78 15.07 1.76
C ASP F 27 -50.32 15.19 0.33
N VAL F 28 -49.47 15.02 -0.70
CA VAL F 28 -49.89 15.11 -2.11
C VAL F 28 -50.42 13.74 -2.59
N PRO F 29 -51.58 13.69 -3.27
CA PRO F 29 -52.06 12.39 -3.81
C PRO F 29 -51.07 11.81 -4.82
N GLY F 30 -50.80 10.51 -4.74
CA GLY F 30 -49.82 9.86 -5.61
C GLY F 30 -50.27 9.70 -7.04
N ALA F 31 -49.30 9.66 -7.95
CA ALA F 31 -49.53 9.47 -9.37
C ALA F 31 -49.44 7.96 -9.58
N LEU F 32 -50.23 7.48 -10.53
CA LEU F 32 -50.27 6.07 -10.87
C LEU F 32 -48.97 5.69 -11.59
N LYS F 33 -48.31 4.64 -11.09
CA LYS F 33 -47.04 4.14 -11.64
C LYS F 33 -47.03 2.62 -11.66
N PRO F 34 -46.32 2.02 -12.62
CA PRO F 34 -46.21 0.56 -12.66
C PRO F 34 -45.35 0.05 -11.51
N SER F 35 -45.73 -1.10 -10.95
CA SER F 35 -45.04 -1.67 -9.80
C SER F 35 -44.36 -3.02 -10.09
N ASN F 36 -44.26 -3.88 -9.06
CA ASN F 36 -43.47 -5.13 -9.10
C ASN F 36 -44.23 -6.44 -9.29
N THR F 37 -45.57 -6.36 -9.45
CA THR F 37 -46.41 -7.53 -9.51
C THR F 37 -47.03 -7.71 -10.89
N PHE F 38 -47.09 -8.96 -11.32
CA PHE F 38 -47.60 -9.34 -12.63
C PHE F 38 -48.67 -10.41 -12.55
N LYS F 39 -49.69 -10.27 -13.39
CA LYS F 39 -50.75 -11.25 -13.52
C LYS F 39 -50.66 -11.79 -14.95
N VAL F 40 -50.42 -13.09 -15.07
CA VAL F 40 -50.38 -13.77 -16.38
C VAL F 40 -51.74 -14.44 -16.56
N LEU F 41 -52.51 -13.95 -17.53
CA LEU F 41 -53.83 -14.53 -17.88
C LEU F 41 -53.58 -15.22 -19.21
N SER F 42 -53.37 -16.53 -19.15
CA SER F 42 -53.01 -17.31 -20.33
C SER F 42 -54.19 -17.52 -21.29
N ASP F 43 -53.84 -17.91 -22.51
CA ASP F 43 -54.84 -18.24 -23.55
C ASP F 43 -55.66 -19.49 -23.21
N ASP F 44 -55.11 -20.42 -22.41
CA ASP F 44 -55.81 -21.64 -21.98
C ASP F 44 -56.53 -21.54 -20.61
N GLY F 45 -56.84 -20.33 -20.16
CA GLY F 45 -57.60 -20.12 -18.94
C GLY F 45 -56.89 -20.25 -17.61
N ARG F 46 -55.56 -20.12 -17.59
CA ARG F 46 -54.80 -20.16 -16.31
C ARG F 46 -54.41 -18.76 -15.88
N ILE F 47 -54.40 -18.56 -14.56
CA ILE F 47 -54.02 -17.30 -13.92
C ILE F 47 -52.87 -17.57 -12.97
N VAL F 48 -51.82 -16.74 -13.07
CA VAL F 48 -50.68 -16.77 -12.16
C VAL F 48 -50.34 -15.34 -11.78
N ASN F 49 -50.26 -15.07 -10.47
CA ASN F 49 -49.79 -13.78 -9.95
C ASN F 49 -48.39 -14.01 -9.44
N PHE F 50 -47.47 -13.10 -9.75
CA PHE F 50 -46.13 -13.18 -9.21
C PHE F 50 -45.53 -11.79 -9.00
N THR F 51 -44.61 -11.70 -8.04
CA THR F 51 -44.00 -10.43 -7.64
C THR F 51 -42.49 -10.54 -7.68
N ILE F 52 -41.87 -9.56 -8.33
CA ILE F 52 -40.41 -9.49 -8.38
C ILE F 52 -39.97 -8.84 -7.06
N ILE F 53 -38.84 -9.28 -6.51
CA ILE F 53 -38.28 -8.76 -5.26
C ILE F 53 -36.87 -8.28 -5.63
N PRO F 54 -36.65 -6.94 -5.69
CA PRO F 54 -35.34 -6.41 -6.10
C PRO F 54 -34.17 -7.05 -5.38
N GLY F 55 -33.18 -7.52 -6.15
CA GLY F 55 -32.00 -8.19 -5.63
C GLY F 55 -32.20 -9.62 -5.14
N ALA F 56 -33.39 -10.20 -5.35
CA ALA F 56 -33.70 -11.56 -4.88
C ALA F 56 -34.57 -12.29 -5.90
N ASP F 57 -34.93 -13.54 -5.59
CA ASP F 57 -35.79 -14.33 -6.44
C ASP F 57 -37.21 -13.77 -6.44
N ALA F 58 -37.82 -13.72 -7.62
CA ALA F 58 -39.23 -13.37 -7.75
C ALA F 58 -40.02 -14.52 -7.12
N ILE F 59 -41.25 -14.27 -6.72
CA ILE F 59 -42.10 -15.28 -6.11
C ILE F 59 -43.50 -15.35 -6.71
N ILE F 60 -44.01 -16.58 -6.91
CA ILE F 60 -45.40 -16.80 -7.31
C ILE F 60 -46.21 -16.50 -6.02
N THR F 61 -47.23 -15.69 -6.12
CA THR F 61 -48.08 -15.38 -4.94
C THR F 61 -49.50 -15.94 -5.04
N GLY F 62 -49.89 -16.41 -6.23
CA GLY F 62 -51.22 -16.97 -6.42
C GLY F 62 -51.38 -17.63 -7.77
N TYR F 63 -52.21 -18.66 -7.84
CA TYR F 63 -52.49 -19.33 -9.12
C TYR F 63 -53.81 -20.08 -9.11
N GLY F 64 -54.27 -20.36 -10.33
CA GLY F 64 -55.53 -21.08 -10.54
C GLY F 64 -55.97 -20.94 -11.98
N THR F 65 -57.28 -20.92 -12.17
CA THR F 65 -57.88 -20.74 -13.49
C THR F 65 -58.78 -19.53 -13.45
N TYR F 66 -59.12 -19.01 -14.63
CA TYR F 66 -60.02 -17.88 -14.76
C TYR F 66 -60.94 -18.04 -15.96
N LYS F 67 -62.08 -17.35 -15.91
CA LYS F 67 -63.04 -17.35 -17.06
C LYS F 67 -63.90 -16.10 -16.94
N GLN F 68 -64.11 -15.43 -18.08
CA GLN F 68 -64.99 -14.26 -18.14
C GLN F 68 -66.44 -14.76 -18.01
N LEU F 69 -67.25 -14.07 -17.20
CA LEU F 69 -68.64 -14.42 -16.92
C LEU F 69 -69.63 -13.51 -17.63
N THR F 70 -69.38 -12.21 -17.57
CA THR F 70 -70.22 -11.19 -18.21
C THR F 70 -69.31 -10.15 -18.88
N ASP F 71 -69.95 -9.14 -19.49
CA ASP F 71 -69.29 -7.98 -20.12
C ASP F 71 -68.35 -7.23 -19.10
N ASP F 72 -68.68 -7.24 -17.81
CA ASP F 72 -67.88 -6.55 -16.76
C ASP F 72 -67.52 -7.41 -15.54
N SER F 73 -67.46 -8.74 -15.69
CA SER F 73 -67.03 -9.60 -14.59
C SER F 73 -66.32 -10.86 -15.07
N TYR F 74 -65.30 -11.25 -14.32
CA TYR F 74 -64.61 -12.51 -14.54
C TYR F 74 -64.35 -13.17 -13.20
N LYS F 75 -64.14 -14.47 -13.24
CA LYS F 75 -63.95 -15.32 -12.09
C LYS F 75 -62.54 -15.83 -12.05
N GLU F 76 -61.89 -15.78 -10.89
CA GLU F 76 -60.61 -16.46 -10.67
C GLU F 76 -60.90 -17.59 -9.69
N SER F 77 -60.71 -18.83 -10.13
CA SER F 77 -60.87 -20.02 -9.28
C SER F 77 -59.46 -20.26 -8.77
N ILE F 78 -59.20 -19.72 -7.58
CA ILE F 78 -57.86 -19.76 -6.98
C ILE F 78 -57.61 -21.07 -6.27
N GLU F 79 -56.46 -21.68 -6.57
CA GLU F 79 -56.04 -22.89 -5.91
C GLU F 79 -55.33 -22.48 -4.61
N LYS F 80 -54.25 -21.73 -4.70
CA LYS F 80 -53.52 -21.21 -3.52
C LYS F 80 -53.12 -19.75 -3.77
N ASN F 81 -53.20 -18.93 -2.72
CA ASN F 81 -52.85 -17.51 -2.76
C ASN F 81 -52.20 -17.14 -1.43
N ILE F 82 -50.88 -17.00 -1.41
CA ILE F 82 -50.15 -16.60 -0.17
C ILE F 82 -50.35 -15.13 0.19
N HIS F 83 -50.68 -14.29 -0.79
CA HIS F 83 -50.96 -12.86 -0.52
C HIS F 83 -52.31 -12.71 0.20
N LEU F 84 -53.33 -13.43 -0.28
CA LEU F 84 -54.70 -13.43 0.27
C LEU F 84 -55.17 -14.89 0.53
N PRO F 85 -54.66 -15.53 1.62
CA PRO F 85 -55.00 -16.95 1.94
C PRO F 85 -56.50 -17.29 2.06
N LEU F 87 -58.71 -16.62 -0.04
CA LEU F 87 -59.16 -17.02 -1.39
C LEU F 87 -58.76 -18.45 -1.81
N ASP F 88 -58.02 -19.19 -0.96
CA ASP F 88 -57.60 -20.57 -1.28
C ASP F 88 -58.81 -21.49 -1.49
N ASN F 89 -58.79 -22.22 -2.62
CA ASN F 89 -59.87 -23.13 -3.03
C ASN F 89 -61.25 -22.44 -3.18
N GLN F 90 -61.24 -21.13 -3.47
CA GLN F 90 -62.46 -20.33 -3.63
C GLN F 90 -62.47 -19.69 -5.00
N ASP F 91 -63.67 -19.32 -5.42
CA ASP F 91 -63.90 -18.53 -6.61
C ASP F 91 -63.98 -17.09 -6.12
N ASN F 92 -63.24 -16.21 -6.78
CA ASN F 92 -63.29 -14.80 -6.52
C ASN F 92 -63.92 -14.20 -7.78
N ILE F 93 -65.02 -13.46 -7.63
CA ILE F 93 -65.68 -12.79 -8.75
C ILE F 93 -65.19 -11.34 -8.77
N LEU F 94 -64.49 -10.99 -9.85
CA LEU F 94 -63.91 -9.68 -10.00
C LEU F 94 -64.71 -8.90 -11.00
N GLU F 95 -65.15 -7.72 -10.59
CA GLU F 95 -65.79 -6.80 -11.50
C GLU F 95 -64.66 -6.05 -12.19
N PHE F 96 -64.74 -5.90 -13.52
CA PHE F 96 -63.66 -5.26 -14.26
C PHE F 96 -64.12 -4.37 -15.38
N GLU F 97 -63.19 -3.51 -15.80
CA GLU F 97 -63.32 -2.65 -16.95
C GLU F 97 -61.92 -2.45 -17.55
N ILE F 98 -61.78 -2.62 -18.86
CA ILE F 98 -60.53 -2.34 -19.57
C ILE F 98 -60.74 -0.96 -20.21
N LYS F 99 -59.97 0.04 -19.75
CA LYS F 99 -60.05 1.43 -20.26
C LYS F 99 -58.91 1.68 -21.24
N ASP F 100 -59.24 2.18 -22.43
CA ASP F 100 -58.29 2.51 -23.50
C ASP F 100 -57.40 1.34 -23.94
N ASN F 101 -57.95 0.12 -23.89
CA ASN F 101 -57.26 -1.14 -24.23
C ASN F 101 -56.08 -1.57 -23.33
N ASP F 102 -55.54 -0.65 -22.53
CA ASP F 102 -54.31 -0.85 -21.75
C ASP F 102 -54.42 -0.94 -20.25
N TYR F 103 -55.51 -0.44 -19.65
CA TYR F 103 -55.67 -0.45 -18.19
C TYR F 103 -56.81 -1.32 -17.75
N LEU F 104 -56.51 -2.32 -16.91
CA LEU F 104 -57.50 -3.23 -16.34
C LEU F 104 -57.79 -2.73 -14.93
N HIS F 105 -59.02 -2.24 -14.73
CA HIS F 105 -59.48 -1.72 -13.43
C HIS F 105 -60.37 -2.80 -12.86
N LEU F 106 -59.98 -3.34 -11.69
CA LEU F 106 -60.72 -4.40 -11.03
C LEU F 106 -61.17 -4.05 -9.61
N LYS F 107 -62.26 -4.70 -9.18
CA LYS F 107 -62.71 -4.63 -7.79
C LYS F 107 -63.33 -5.94 -7.36
N TYR F 108 -63.05 -6.30 -6.12
CA TYR F 108 -63.55 -7.53 -5.53
C TYR F 108 -63.61 -7.39 -4.01
N PHE F 109 -64.34 -8.29 -3.39
CA PHE F 109 -64.44 -8.35 -1.93
C PHE F 109 -64.02 -9.76 -1.46
N ILE F 110 -63.41 -9.80 -0.28
CA ILE F 110 -63.18 -11.04 0.47
C ILE F 110 -64.05 -10.98 1.70
N LYS F 111 -64.95 -11.95 1.87
CA LYS F 111 -65.79 -12.11 3.09
C LYS F 111 -65.03 -12.70 4.31
N SER F 112 -65.37 -12.21 5.50
CA SER F 112 -64.74 -12.67 6.78
C SER F 112 -65.51 -12.41 8.05
N ASP F 113 -65.19 -13.17 9.10
CA ASP F 113 -65.70 -12.88 10.48
C ASP F 113 -64.79 -11.93 11.26
N LEU F 114 -65.26 -10.79 11.84
CA LEU F 114 -64.48 -9.94 12.79
C LEU F 114 -64.29 -10.69 14.11
N ASN F 115 -65.41 -11.00 14.76
CA ASN F 115 -65.51 -11.84 15.97
C ASN F 115 -66.78 -12.67 15.71
N GLY F 116 -67.92 -12.13 16.15
CA GLY F 116 -69.26 -12.70 15.83
C GLY F 116 -69.95 -11.98 14.66
N ASN F 117 -69.21 -11.07 13.99
CA ASN F 117 -69.66 -10.17 12.89
C ASN F 117 -69.07 -10.43 11.47
N GLU F 118 -69.93 -10.77 10.50
CA GLU F 118 -69.55 -10.90 9.08
C GLU F 118 -69.15 -9.50 8.51
N LEU F 119 -67.98 -9.43 7.88
CA LEU F 119 -67.51 -8.21 7.18
C LEU F 119 -67.01 -8.49 5.75
N ASN F 120 -67.21 -7.51 4.85
CA ASN F 120 -66.62 -7.54 3.47
C ASN F 120 -65.41 -6.61 3.44
N THR F 121 -64.20 -7.03 3.05
CA THR F 121 -63.07 -6.09 2.84
C THR F 121 -62.93 -6.02 1.32
N TRP F 122 -62.96 -4.79 0.80
CA TRP F 122 -62.94 -4.50 -0.63
C TRP F 122 -61.55 -4.20 -1.12
N TYR F 123 -61.25 -4.64 -2.33
CA TYR F 123 -59.96 -4.38 -2.95
C TYR F 123 -60.19 -3.78 -4.33
N TYR F 124 -59.43 -2.73 -4.64
CA TYR F 124 -59.46 -2.04 -5.93
C TYR F 124 -58.06 -2.13 -6.48
N GLU F 125 -57.96 -2.49 -7.76
CA GLU F 125 -56.65 -2.63 -8.41
C GLU F 125 -56.70 -2.08 -9.81
N THR F 126 -55.57 -1.52 -10.24
CA THR F 126 -55.37 -1.06 -11.60
C THR F 126 -54.12 -1.78 -12.11
N TRP F 127 -54.25 -2.44 -13.26
CA TRP F 127 -53.14 -3.14 -13.89
C TRP F 127 -52.97 -2.55 -15.28
N LYS F 128 -51.74 -2.57 -15.79
CA LYS F 128 -51.45 -2.06 -17.14
C LYS F 128 -50.95 -3.21 -18.02
N ARG F 129 -51.44 -3.29 -19.26
CA ARG F 129 -51.06 -4.36 -20.19
C ARG F 129 -49.59 -4.23 -20.56
N VAL F 130 -48.83 -5.31 -20.40
CA VAL F 130 -47.40 -5.32 -20.77
C VAL F 130 -47.37 -5.61 -22.27
N GLU F 131 -46.65 -4.76 -23.02
CA GLU F 131 -46.57 -4.84 -24.49
C GLU F 131 -45.13 -4.84 -24.99
N PRO F 133 -42.62 -2.87 -27.20
CA PRO F 133 -42.46 -1.57 -27.86
C PRO F 133 -41.81 -1.73 -29.26
N ALA F 134 -41.80 -0.64 -30.04
CA ALA F 134 -41.24 -0.64 -31.40
C ALA F 134 -39.76 -1.07 -31.46
N LYS F 135 -38.98 -0.61 -30.49
CA LYS F 135 -37.55 -0.92 -30.39
C LYS F 135 -37.12 -1.31 -28.98
N PHE F 136 -36.09 -2.16 -28.88
CA PHE F 136 -35.51 -2.57 -27.59
C PHE F 136 -34.67 -1.37 -27.13
N PRO F 137 -34.93 -0.79 -25.92
CA PRO F 137 -34.16 0.39 -25.48
C PRO F 137 -32.69 0.05 -25.17
N GLU F 138 -31.79 0.98 -25.44
CA GLU F 138 -30.32 0.75 -25.29
C GLU F 138 -29.73 0.54 -23.90
N ASP F 139 -29.99 1.44 -22.95
CA ASP F 139 -29.46 1.35 -21.58
C ASP F 139 -30.37 0.51 -20.67
N ILE F 140 -30.73 -0.71 -21.09
CA ILE F 140 -31.71 -1.59 -20.36
C ILE F 140 -31.02 -2.88 -19.91
N VAL F 141 -31.17 -3.21 -18.62
CA VAL F 141 -30.50 -4.39 -18.04
C VAL F 141 -31.43 -5.58 -18.08
N ARG F 142 -30.99 -6.67 -18.70
CA ARG F 142 -31.81 -7.91 -18.78
C ARG F 142 -31.73 -8.68 -17.47
N PHE G 7 -29.44 31.87 14.17
CA PHE G 7 -30.17 30.58 14.01
C PHE G 7 -29.45 29.38 14.62
N LYS G 8 -30.20 28.33 14.96
CA LYS G 8 -29.63 27.07 15.48
C LYS G 8 -29.24 26.22 14.27
N ALA G 9 -27.96 25.82 14.18
CA ALA G 9 -27.36 25.05 13.07
C ALA G 9 -27.84 23.58 12.93
N ALA G 10 -28.60 23.31 11.87
CA ALA G 10 -29.16 21.97 11.61
C ALA G 10 -28.07 21.00 11.13
N ASP G 11 -28.28 19.70 11.38
CA ASP G 11 -27.36 18.63 10.98
C ASP G 11 -27.58 18.24 9.51
N LEU G 12 -27.32 19.21 8.62
CA LEU G 12 -27.50 19.01 7.17
C LEU G 12 -26.40 18.20 6.52
N LYS G 13 -25.17 18.32 7.03
CA LYS G 13 -24.02 17.65 6.47
C LYS G 13 -24.19 16.14 6.44
N GLY G 14 -23.84 15.53 5.31
CA GLY G 14 -23.92 14.07 5.13
C GLY G 14 -24.36 13.67 3.74
N ILE G 15 -24.72 12.38 3.63
CA ILE G 15 -25.21 11.78 2.39
C ILE G 15 -26.68 11.45 2.63
N TRP G 16 -27.54 11.97 1.74
CA TRP G 16 -28.98 11.83 1.84
C TRP G 16 -29.51 11.03 0.67
N GLN G 17 -30.51 10.18 0.92
CA GLN G 17 -31.12 9.31 -0.11
C GLN G 17 -32.55 9.74 -0.34
N LEU G 18 -32.89 10.08 -1.58
CA LEU G 18 -34.25 10.51 -1.94
C LEU G 18 -35.23 9.35 -1.75
N CYS G 19 -36.35 9.66 -1.13
CA CYS G 19 -37.42 8.74 -0.87
C CYS G 19 -38.73 9.21 -1.50
N HIS G 20 -39.63 8.25 -1.70
CA HIS G 20 -40.94 8.51 -2.21
CA HIS G 20 -40.97 8.54 -2.21
C HIS G 20 -41.96 7.78 -1.34
N TYR G 21 -43.23 8.09 -1.53
CA TYR G 21 -44.31 7.48 -0.78
C TYR G 21 -45.15 6.61 -1.70
N VAL G 22 -45.24 5.32 -1.37
CA VAL G 22 -45.95 4.32 -2.19
C VAL G 22 -47.20 3.87 -1.45
N SER G 23 -48.32 3.84 -2.16
CA SER G 23 -49.63 3.51 -1.60
C SER G 23 -50.47 2.65 -2.54
N GLU G 24 -51.41 1.92 -1.94
CA GLU G 24 -52.37 1.10 -2.70
C GLU G 24 -53.53 1.91 -3.28
N SER G 25 -53.76 3.14 -2.80
CA SER G 25 -54.86 4.02 -3.27
C SER G 25 -54.34 5.47 -3.36
N PRO G 26 -54.89 6.30 -4.29
CA PRO G 26 -54.41 7.70 -4.35
C PRO G 26 -54.78 8.57 -3.13
N ASP G 27 -55.73 8.12 -2.32
CA ASP G 27 -56.22 8.85 -1.13
C ASP G 27 -55.51 8.48 0.18
N VAL G 28 -54.96 7.27 0.28
CA VAL G 28 -54.29 6.82 1.51
C VAL G 28 -52.83 7.29 1.49
N PRO G 29 -52.33 7.92 2.60
CA PRO G 29 -50.90 8.31 2.64
C PRO G 29 -49.99 7.09 2.47
N GLY G 30 -48.97 7.24 1.62
CA GLY G 30 -48.06 6.14 1.32
C GLY G 30 -47.00 5.84 2.36
N ALA G 31 -46.37 4.67 2.23
CA ALA G 31 -45.27 4.26 3.09
C ALA G 31 -43.99 4.76 2.39
N LEU G 32 -43.03 5.21 3.19
CA LEU G 32 -41.78 5.77 2.69
C LEU G 32 -40.91 4.68 2.12
N LYS G 33 -40.41 4.88 0.90
CA LYS G 33 -39.52 3.93 0.22
C LYS G 33 -38.29 4.67 -0.35
N PRO G 34 -37.08 4.16 -0.08
CA PRO G 34 -35.87 4.82 -0.57
C PRO G 34 -35.72 4.61 -2.07
N SER G 35 -35.20 5.60 -2.77
CA SER G 35 -35.05 5.53 -4.21
C SER G 35 -33.56 5.55 -4.70
N ASN G 36 -33.34 6.09 -5.90
CA ASN G 36 -32.05 6.03 -6.61
C ASN G 36 -31.19 7.26 -6.62
N THR G 37 -31.64 8.32 -5.96
CA THR G 37 -30.96 9.62 -5.98
C THR G 37 -30.36 9.96 -4.62
N PHE G 38 -29.15 10.55 -4.68
CA PHE G 38 -28.39 10.90 -3.51
C PHE G 38 -27.97 12.36 -3.55
N LYS G 39 -28.00 13.02 -2.39
CA LYS G 39 -27.53 14.40 -2.22
C LYS G 39 -26.37 14.34 -1.25
N VAL G 40 -25.19 14.74 -1.70
CA VAL G 40 -24.01 14.82 -0.84
C VAL G 40 -23.87 16.28 -0.41
N LEU G 41 -24.07 16.55 0.87
CA LEU G 41 -23.89 17.88 1.47
C LEU G 41 -22.59 17.78 2.27
N SER G 42 -21.50 18.24 1.68
CA SER G 42 -20.17 18.11 2.26
C SER G 42 -19.95 19.04 3.45
N ASP G 43 -18.91 18.72 4.22
CA ASP G 43 -18.48 19.53 5.37
C ASP G 43 -17.97 20.91 4.95
N ASP G 44 -17.44 21.04 3.73
CA ASP G 44 -16.92 22.33 3.21
C ASP G 44 -17.93 23.14 2.35
N GLY G 45 -19.22 22.88 2.52
CA GLY G 45 -20.27 23.65 1.84
C GLY G 45 -20.55 23.35 0.38
N ARG G 46 -20.20 22.16 -0.10
CA ARG G 46 -20.52 21.75 -1.48
C ARG G 46 -21.73 20.81 -1.50
N ILE G 47 -22.52 20.93 -2.55
CA ILE G 47 -23.69 20.09 -2.80
C ILE G 47 -23.53 19.41 -4.15
N VAL G 48 -23.76 18.09 -4.17
CA VAL G 48 -23.82 17.30 -5.39
C VAL G 48 -25.03 16.38 -5.32
N ASN G 49 -25.84 16.41 -6.37
CA ASN G 49 -26.97 15.47 -6.54
C ASN G 49 -26.55 14.47 -7.60
N PHE G 50 -26.78 13.18 -7.36
CA PHE G 50 -26.53 12.17 -8.38
C PHE G 50 -27.53 11.03 -8.30
N THR G 51 -27.78 10.39 -9.45
CA THR G 51 -28.77 9.32 -9.57
C THR G 51 -28.13 8.07 -10.15
N ILE G 52 -28.35 6.94 -9.48
CA ILE G 52 -27.84 5.65 -9.94
C ILE G 52 -28.82 5.16 -11.01
N ILE G 53 -28.30 4.53 -12.06
CA ILE G 53 -29.09 3.98 -13.17
C ILE G 53 -28.71 2.49 -13.18
N PRO G 54 -29.57 1.59 -12.62
CA PRO G 54 -29.20 0.17 -12.48
C PRO G 54 -28.60 -0.47 -13.73
N GLY G 55 -27.42 -1.08 -13.59
CA GLY G 55 -26.68 -1.70 -14.69
C GLY G 55 -25.94 -0.77 -15.64
N ALA G 56 -25.97 0.54 -15.36
CA ALA G 56 -25.32 1.56 -16.19
C ALA G 56 -24.59 2.53 -15.26
N ASP G 57 -23.92 3.52 -15.85
CA ASP G 57 -23.21 4.53 -15.06
C ASP G 57 -24.18 5.43 -14.31
N ALA G 58 -23.86 5.72 -13.05
CA ALA G 58 -24.62 6.70 -12.27
C ALA G 58 -24.29 8.05 -12.90
N ILE G 59 -25.17 9.03 -12.73
CA ILE G 59 -24.96 10.36 -13.31
C ILE G 59 -25.10 11.47 -12.29
N ILE G 60 -24.19 12.44 -12.35
CA ILE G 60 -24.30 13.67 -11.55
C ILE G 60 -25.41 14.48 -12.23
N THR G 61 -26.40 14.94 -11.47
CA THR G 61 -27.50 15.72 -12.05
C THR G 61 -27.50 17.19 -11.63
N GLY G 62 -26.69 17.55 -10.64
CA GLY G 62 -26.60 18.92 -10.19
C GLY G 62 -25.47 19.12 -9.19
N TYR G 63 -24.90 20.32 -9.18
CA TYR G 63 -23.89 20.65 -8.21
C TYR G 63 -23.74 22.14 -7.98
N GLY G 64 -23.10 22.46 -6.87
CA GLY G 64 -22.85 23.84 -6.47
C GLY G 64 -22.44 23.90 -5.02
N THR G 65 -22.78 25.00 -4.36
CA THR G 65 -22.52 25.19 -2.94
C THR G 65 -23.84 25.37 -2.22
N TYR G 66 -23.79 25.19 -0.90
CA TYR G 66 -24.95 25.37 -0.05
C TYR G 66 -24.59 26.04 1.27
N LYS G 67 -25.59 26.66 1.89
CA LYS G 67 -25.42 27.34 3.17
C LYS G 67 -26.77 27.49 3.86
N GLN G 68 -26.84 27.17 5.16
CA GLN G 68 -28.06 27.36 5.93
C GLN G 68 -28.26 28.87 6.15
N LEU G 69 -29.51 29.34 5.97
CA LEU G 69 -29.88 30.77 6.08
C LEU G 69 -30.65 31.08 7.37
N THR G 70 -31.63 30.23 7.70
CA THR G 70 -32.43 30.36 8.91
C THR G 70 -32.63 28.97 9.53
N ASP G 71 -33.40 28.92 10.63
CA ASP G 71 -33.76 27.65 11.29
C ASP G 71 -34.45 26.65 10.38
N ASP G 72 -35.19 27.15 9.37
CA ASP G 72 -35.94 26.31 8.46
C ASP G 72 -35.72 26.60 6.97
N SER G 73 -34.57 27.16 6.61
CA SER G 73 -34.25 27.37 5.20
C SER G 73 -32.75 27.32 4.94
N TYR G 74 -32.40 26.73 3.80
CA TYR G 74 -31.03 26.73 3.31
C TYR G 74 -31.06 27.04 1.83
N LYS G 75 -29.91 27.49 1.34
CA LYS G 75 -29.72 27.94 -0.02
C LYS G 75 -28.80 26.97 -0.74
N GLU G 76 -29.16 26.59 -1.97
CA GLU G 76 -28.26 25.86 -2.86
C GLU G 76 -27.94 26.85 -3.99
N SER G 77 -26.68 27.25 -4.10
CA SER G 77 -26.20 28.11 -5.18
C SER G 77 -25.74 27.13 -6.24
N ILE G 78 -26.65 26.84 -7.18
CA ILE G 78 -26.44 25.83 -8.21
C ILE G 78 -25.64 26.39 -9.37
N GLU G 79 -24.57 25.66 -9.74
CA GLU G 79 -23.76 26.02 -10.89
C GLU G 79 -24.47 25.46 -12.11
N LYS G 80 -24.66 24.14 -12.16
CA LYS G 80 -25.39 23.50 -13.25
C LYS G 80 -26.30 22.40 -12.69
N ASN G 81 -27.49 22.26 -13.29
CA ASN G 81 -28.48 21.27 -12.90
C ASN G 81 -29.18 20.76 -14.16
N ILE G 82 -28.85 19.55 -14.61
CA ILE G 82 -29.50 18.96 -15.79
C ILE G 82 -30.94 18.51 -15.53
N HIS G 83 -31.28 18.22 -14.28
CA HIS G 83 -32.66 17.85 -13.90
C HIS G 83 -33.57 19.07 -13.99
N LEU G 84 -33.11 20.22 -13.47
CA LEU G 84 -33.85 21.48 -13.43
C LEU G 84 -32.97 22.63 -14.00
N PRO G 85 -32.80 22.70 -15.36
CA PRO G 85 -31.90 23.71 -15.99
C PRO G 85 -32.18 25.18 -15.67
N LEU G 87 -32.53 26.39 -12.82
CA LEU G 87 -31.75 26.72 -11.60
C LEU G 87 -30.26 26.99 -11.88
N ASP G 88 -29.79 26.86 -13.14
CA ASP G 88 -28.38 27.09 -13.48
C ASP G 88 -27.96 28.52 -13.14
N ASN G 89 -26.85 28.65 -12.41
CA ASN G 89 -26.32 29.96 -11.95
C ASN G 89 -27.30 30.77 -11.08
N GLN G 90 -28.22 30.07 -10.39
CA GLN G 90 -29.22 30.67 -9.52
C GLN G 90 -29.11 30.08 -8.12
N ASP G 91 -29.66 30.84 -7.18
CA ASP G 91 -29.80 30.41 -5.81
C ASP G 91 -31.20 29.83 -5.72
N ASN G 92 -31.31 28.64 -5.16
CA ASN G 92 -32.59 28.00 -4.89
C ASN G 92 -32.71 28.01 -3.38
N ILE G 93 -33.78 28.59 -2.85
CA ILE G 93 -34.01 28.65 -1.40
C ILE G 93 -34.92 27.47 -1.10
N LEU G 94 -34.40 26.55 -0.30
CA LEU G 94 -35.16 25.37 0.10
C LEU G 94 -35.62 25.52 1.53
N GLU G 95 -36.93 25.40 1.73
CA GLU G 95 -37.54 25.41 3.05
CA GLU G 95 -37.50 25.40 3.07
C GLU G 95 -37.35 23.97 3.54
N PHE G 96 -36.86 23.77 4.77
CA PHE G 96 -36.62 22.43 5.28
C PHE G 96 -36.94 22.20 6.74
N GLU G 97 -37.06 20.93 7.09
CA GLU G 97 -37.23 20.43 8.45
C GLU G 97 -36.57 19.04 8.53
N ILE G 98 -35.74 18.82 9.55
CA ILE G 98 -35.15 17.50 9.81
C ILE G 98 -36.00 16.90 10.93
N LYS G 99 -36.73 15.82 10.63
CA LYS G 99 -37.58 15.13 11.61
C LYS G 99 -36.87 13.88 12.12
N ASP G 100 -36.79 13.75 13.45
CA ASP G 100 -36.17 12.59 14.13
C ASP G 100 -34.71 12.34 13.75
N ASN G 101 -33.97 13.42 13.46
CA ASN G 101 -32.55 13.38 13.03
C ASN G 101 -32.24 12.71 11.66
N ASP G 102 -33.17 11.93 11.12
CA ASP G 102 -32.94 11.09 9.93
C ASP G 102 -33.65 11.47 8.65
N TYR G 103 -34.73 12.25 8.73
CA TYR G 103 -35.53 12.60 7.55
C TYR G 103 -35.50 14.08 7.26
N LEU G 104 -35.01 14.44 6.07
CA LEU G 104 -34.92 15.82 5.61
C LEU G 104 -36.12 16.04 4.69
N HIS G 105 -37.07 16.86 5.14
CA HIS G 105 -38.29 17.20 4.38
C HIS G 105 -38.05 18.59 3.82
N LEU G 106 -38.01 18.70 2.48
CA LEU G 106 -37.76 20.00 1.84
CA LEU G 106 -37.72 19.95 1.76
C LEU G 106 -38.82 20.39 0.81
N LYS G 107 -38.91 21.69 0.56
CA LYS G 107 -39.79 22.24 -0.45
C LYS G 107 -39.16 23.48 -1.08
N TYR G 108 -39.33 23.60 -2.39
CA TYR G 108 -38.84 24.75 -3.14
C TYR G 108 -39.79 25.01 -4.32
N PHE G 109 -39.75 26.23 -4.83
CA PHE G 109 -40.68 26.71 -5.85
C PHE G 109 -39.95 27.05 -7.14
N ILE G 110 -40.46 26.57 -8.27
CA ILE G 110 -39.92 26.88 -9.60
C ILE G 110 -41.04 27.66 -10.33
N LYS G 111 -40.75 28.93 -10.69
CA LYS G 111 -41.75 29.80 -11.33
C LYS G 111 -41.97 29.42 -12.79
N SER G 112 -40.89 29.35 -13.56
CA SER G 112 -40.94 29.10 -15.02
C SER G 112 -39.93 28.06 -15.46
N ASP G 113 -40.18 27.45 -16.62
CA ASP G 113 -39.26 26.48 -17.24
C ASP G 113 -38.19 27.23 -18.05
N LEU G 114 -37.27 26.48 -18.65
CA LEU G 114 -36.19 27.07 -19.48
C LEU G 114 -36.69 27.97 -20.64
N ASN G 115 -37.84 27.62 -21.23
CA ASN G 115 -38.47 28.42 -22.30
C ASN G 115 -39.21 29.70 -21.83
N GLY G 116 -39.33 29.91 -20.51
CA GLY G 116 -40.04 31.07 -19.94
C GLY G 116 -41.53 30.84 -19.73
N ASN G 117 -42.03 29.61 -19.97
CA ASN G 117 -43.44 29.27 -19.77
C ASN G 117 -43.74 29.12 -18.28
N GLU G 118 -44.94 29.52 -17.88
CA GLU G 118 -45.36 29.47 -16.48
C GLU G 118 -45.46 28.03 -15.96
N LEU G 119 -44.76 27.74 -14.86
CA LEU G 119 -44.71 26.42 -14.24
C LEU G 119 -45.43 26.48 -12.87
N ASN G 120 -45.03 27.43 -12.02
CA ASN G 120 -45.62 27.70 -10.70
C ASN G 120 -45.85 26.45 -9.86
N THR G 121 -44.79 25.69 -9.73
CA THR G 121 -44.83 24.40 -9.07
C THR G 121 -43.95 24.37 -7.82
N TRP G 122 -44.54 23.94 -6.70
CA TRP G 122 -43.80 23.64 -5.49
C TRP G 122 -43.36 22.20 -5.65
N TYR G 123 -42.10 21.93 -5.35
CA TYR G 123 -41.53 20.60 -5.40
C TYR G 123 -41.32 20.22 -3.96
N TYR G 124 -41.75 19.03 -3.58
CA TYR G 124 -41.60 18.49 -2.23
C TYR G 124 -40.70 17.29 -2.33
N GLU G 125 -39.76 17.18 -1.39
CA GLU G 125 -38.85 16.04 -1.35
C GLU G 125 -38.64 15.59 0.08
N THR G 126 -38.48 14.28 0.23
CA THR G 126 -38.15 13.67 1.51
C THR G 126 -36.88 12.87 1.24
N TRP G 127 -35.86 13.12 2.03
CA TRP G 127 -34.59 12.43 1.94
C TRP G 127 -34.33 11.77 3.30
N LYS G 128 -33.63 10.64 3.28
CA LYS G 128 -33.26 9.92 4.49
C LYS G 128 -31.74 9.90 4.60
N ARG G 129 -31.24 10.17 5.81
CA ARG G 129 -29.81 10.20 6.07
C ARG G 129 -29.22 8.80 5.89
N VAL G 130 -28.19 8.67 5.07
CA VAL G 130 -27.49 7.38 4.85
C VAL G 130 -26.51 7.22 6.04
N GLU G 131 -26.59 6.07 6.71
CA GLU G 131 -25.81 5.75 7.92
C GLU G 131 -25.11 4.41 7.80
N PRO G 133 -24.61 0.81 9.26
CA PRO G 133 -25.26 -0.14 10.18
C PRO G 133 -24.21 -0.87 11.05
N ALA G 134 -24.68 -1.60 12.06
CA ALA G 134 -23.79 -2.34 12.97
C ALA G 134 -22.92 -3.38 12.28
N LYS G 135 -23.50 -4.11 11.32
CA LYS G 135 -22.81 -5.18 10.57
C LYS G 135 -22.97 -5.00 9.08
N PHE G 136 -21.98 -5.44 8.31
CA PHE G 136 -22.05 -5.46 6.86
C PHE G 136 -22.98 -6.65 6.54
N PRO G 137 -24.09 -6.44 5.80
CA PRO G 137 -25.02 -7.56 5.55
C PRO G 137 -24.45 -8.64 4.63
N GLU G 138 -24.83 -9.90 4.89
CA GLU G 138 -24.39 -11.04 4.09
C GLU G 138 -25.23 -11.05 2.80
N ASP G 139 -24.65 -11.58 1.72
CA ASP G 139 -25.33 -11.77 0.43
C ASP G 139 -25.87 -10.50 -0.28
N ILE G 140 -25.08 -9.41 -0.23
CA ILE G 140 -25.37 -8.17 -1.01
C ILE G 140 -24.28 -8.06 -2.11
N VAL G 141 -24.64 -7.44 -3.23
CA VAL G 141 -23.73 -7.20 -4.36
C VAL G 141 -23.13 -5.81 -4.20
N ARG G 142 -21.82 -5.73 -4.04
CA ARG G 142 -21.12 -4.44 -3.94
C ARG G 142 -20.97 -3.84 -5.34
N PHE H 7 -39.09 -39.42 -26.24
CA PHE H 7 -38.33 -38.73 -25.15
C PHE H 7 -39.12 -38.59 -23.84
N LYS H 8 -38.40 -38.45 -22.71
CA LYS H 8 -39.03 -38.24 -21.39
C LYS H 8 -39.26 -36.72 -21.27
N ALA H 9 -40.53 -36.32 -21.03
CA ALA H 9 -40.99 -34.91 -20.92
C ALA H 9 -40.44 -34.12 -19.73
N ALA H 10 -39.57 -33.14 -20.01
CA ALA H 10 -38.96 -32.29 -18.98
C ALA H 10 -39.98 -31.29 -18.41
N ASP H 11 -39.75 -30.86 -17.17
CA ASP H 11 -40.61 -29.89 -16.47
C ASP H 11 -40.25 -28.46 -16.92
N LEU H 12 -40.47 -28.17 -18.21
CA LEU H 12 -40.18 -26.86 -18.81
C LEU H 12 -41.24 -25.81 -18.50
N LYS H 13 -42.50 -26.24 -18.40
CA LYS H 13 -43.62 -25.34 -18.17
C LYS H 13 -43.45 -24.58 -16.85
N GLY H 14 -43.72 -23.27 -16.90
CA GLY H 14 -43.60 -22.39 -15.74
C GLY H 14 -43.06 -21.02 -16.09
N ILE H 15 -42.69 -20.29 -15.04
CA ILE H 15 -42.13 -18.94 -15.14
C ILE H 15 -40.68 -19.06 -14.69
N TRP H 16 -39.78 -18.60 -15.55
CA TRP H 16 -38.34 -18.70 -15.33
C TRP H 16 -37.74 -17.31 -15.22
N GLN H 17 -36.77 -17.13 -14.32
CA GLN H 17 -36.12 -15.84 -14.09
C GLN H 17 -34.66 -15.93 -14.53
N LEU H 18 -34.25 -15.04 -15.44
CA LEU H 18 -32.89 -15.01 -15.95
C LEU H 18 -31.92 -14.65 -14.83
N CYS H 19 -30.82 -15.37 -14.77
CA CYS H 19 -29.75 -15.14 -13.81
C CYS H 19 -28.46 -14.79 -14.53
N HIS H 20 -27.58 -14.09 -13.82
CA HIS H 20 -26.25 -13.79 -14.31
C HIS H 20 -25.26 -14.12 -13.19
N TYR H 21 -23.99 -14.07 -13.53
CA TYR H 21 -22.91 -14.39 -12.61
C TYR H 21 -22.09 -13.14 -12.34
N VAL H 22 -22.02 -12.75 -11.06
CA VAL H 22 -21.32 -11.52 -10.64
C VAL H 22 -20.07 -11.90 -9.85
N SER H 23 -18.94 -11.27 -10.20
CA SER H 23 -17.66 -11.55 -9.60
C SER H 23 -16.84 -10.31 -9.33
N GLU H 24 -15.93 -10.41 -8.35
CA GLU H 24 -14.99 -9.32 -8.02
C GLU H 24 -13.78 -9.25 -8.98
N SER H 25 -13.52 -10.30 -9.76
CA SER H 25 -12.39 -10.36 -10.72
C SER H 25 -12.85 -11.03 -12.03
N PRO H 26 -12.24 -10.68 -13.18
CA PRO H 26 -12.66 -11.37 -14.43
C PRO H 26 -12.28 -12.86 -14.54
N ASP H 27 -11.36 -13.31 -13.68
CA ASP H 27 -10.83 -14.68 -13.66
C ASP H 27 -11.59 -15.63 -12.70
N VAL H 28 -12.21 -15.09 -11.63
CA VAL H 28 -12.92 -15.91 -10.63
C VAL H 28 -14.38 -16.15 -11.10
N PRO H 29 -14.86 -17.42 -11.08
CA PRO H 29 -16.27 -17.66 -11.43
C PRO H 29 -17.21 -16.88 -10.52
N GLY H 30 -18.22 -16.26 -11.10
CA GLY H 30 -19.15 -15.43 -10.35
C GLY H 30 -20.20 -16.19 -9.57
N ALA H 31 -20.87 -15.49 -8.66
CA ALA H 31 -21.96 -16.03 -7.87
C ALA H 31 -23.23 -15.76 -8.69
N LEU H 32 -24.15 -16.72 -8.68
CA LEU H 32 -25.39 -16.63 -9.42
C LEU H 32 -26.32 -15.60 -8.77
N LYS H 33 -26.85 -14.67 -9.55
CA LYS H 33 -27.77 -13.63 -9.06
C LYS H 33 -28.97 -13.52 -10.01
N PRO H 34 -30.21 -13.52 -9.46
CA PRO H 34 -31.40 -13.38 -10.31
C PRO H 34 -31.49 -11.98 -10.86
N SER H 35 -31.96 -11.84 -12.10
CA SER H 35 -32.03 -10.56 -12.76
C SER H 35 -33.47 -10.09 -13.06
N ASN H 36 -33.63 -9.31 -14.14
CA ASN H 36 -34.87 -8.62 -14.48
C ASN H 36 -35.72 -9.21 -15.58
N THR H 37 -35.32 -10.35 -16.13
CA THR H 37 -35.97 -10.94 -17.28
C THR H 37 -36.65 -12.25 -16.93
N PHE H 38 -37.83 -12.44 -17.50
CA PHE H 38 -38.66 -13.60 -17.27
C PHE H 38 -39.07 -14.27 -18.55
N LYS H 39 -39.09 -15.61 -18.54
CA LYS H 39 -39.55 -16.42 -19.64
C LYS H 39 -40.76 -17.17 -19.13
N VAL H 40 -41.92 -16.92 -19.76
CA VAL H 40 -43.16 -17.63 -19.43
C VAL H 40 -43.29 -18.73 -20.48
N LEU H 41 -43.17 -19.99 -20.05
CA LEU H 41 -43.40 -21.17 -20.90
C LEU H 41 -44.74 -21.74 -20.45
N SER H 42 -45.79 -21.40 -21.19
CA SER H 42 -47.17 -21.75 -20.80
C SER H 42 -47.48 -23.24 -21.02
N ASP H 43 -48.56 -23.69 -20.39
CA ASP H 43 -49.05 -25.07 -20.52
C ASP H 43 -49.53 -25.36 -21.94
N ASP H 44 -50.00 -24.35 -22.68
CA ASP H 44 -50.50 -24.50 -24.07
C ASP H 44 -49.46 -24.22 -25.18
N GLY H 45 -48.17 -24.31 -24.84
CA GLY H 45 -47.10 -24.15 -25.82
C GLY H 45 -46.71 -22.76 -26.27
N ARG H 46 -47.02 -21.73 -25.49
CA ARG H 46 -46.63 -20.35 -25.81
C ARG H 46 -45.43 -19.93 -24.99
N ILE H 47 -44.57 -19.12 -25.61
CA ILE H 47 -43.39 -18.57 -24.97
C ILE H 47 -43.47 -17.05 -25.05
N VAL H 48 -43.20 -16.39 -23.92
CA VAL H 48 -43.07 -14.94 -23.88
C VAL H 48 -41.85 -14.62 -23.02
N ASN H 49 -40.95 -13.78 -23.54
CA ASN H 49 -39.83 -13.22 -22.77
C ASN H 49 -40.20 -11.78 -22.46
N PHE H 50 -40.01 -11.36 -21.22
CA PHE H 50 -40.22 -9.95 -20.88
C PHE H 50 -39.25 -9.49 -19.81
N THR H 51 -38.95 -8.19 -19.81
CA THR H 51 -37.96 -7.59 -18.91
C THR H 51 -38.57 -6.45 -18.15
N ILE H 52 -38.40 -6.47 -16.83
CA ILE H 52 -38.93 -5.44 -15.96
C ILE H 52 -37.90 -4.31 -16.02
N ILE H 53 -38.38 -3.07 -15.97
CA ILE H 53 -37.55 -1.87 -15.97
C ILE H 53 -37.97 -1.17 -14.66
N PRO H 54 -37.16 -1.30 -13.57
CA PRO H 54 -37.58 -0.76 -12.25
C PRO H 54 -38.11 0.67 -12.28
N GLY H 55 -39.31 0.87 -11.73
CA GLY H 55 -40.00 2.16 -11.73
C GLY H 55 -40.68 2.60 -13.02
N ALA H 56 -40.61 1.76 -14.06
CA ALA H 56 -41.21 2.04 -15.38
C ALA H 56 -41.95 0.77 -15.86
N ASP H 57 -42.57 0.84 -17.04
CA ASP H 57 -43.30 -0.30 -17.59
C ASP H 57 -42.36 -1.42 -17.99
N ALA H 58 -42.73 -2.65 -17.68
CA ALA H 58 -42.00 -3.83 -18.14
C ALA H 58 -42.25 -3.91 -19.65
N ILE H 59 -41.36 -4.57 -20.38
CA ILE H 59 -41.50 -4.72 -21.83
C ILE H 59 -41.38 -6.16 -22.31
N ILE H 60 -42.26 -6.56 -23.23
CA ILE H 60 -42.18 -7.87 -23.87
CA ILE H 60 -42.16 -7.88 -23.85
C ILE H 60 -41.00 -7.73 -24.85
N THR H 61 -40.05 -8.67 -24.81
CA THR H 61 -38.89 -8.63 -25.73
C THR H 61 -38.90 -9.75 -26.77
N GLY H 62 -39.77 -10.74 -26.61
CA GLY H 62 -39.88 -11.85 -27.56
C GLY H 62 -41.08 -12.72 -27.28
N TYR H 63 -41.65 -13.30 -28.33
CA TYR H 63 -42.78 -14.21 -28.17
C TYR H 63 -42.94 -15.14 -29.34
N GLY H 64 -43.68 -16.22 -29.07
CA GLY H 64 -43.95 -17.24 -30.07
C GLY H 64 -44.50 -18.48 -29.41
N THR H 65 -44.16 -19.63 -29.98
CA THR H 65 -44.53 -20.92 -29.45
C THR H 65 -43.27 -21.74 -29.20
N TYR H 66 -43.41 -22.78 -28.39
CA TYR H 66 -42.29 -23.67 -28.08
C TYR H 66 -42.77 -25.12 -27.98
N LYS H 67 -41.83 -26.03 -28.14
CA LYS H 67 -42.09 -27.47 -28.08
C LYS H 67 -40.82 -28.20 -27.77
N GLN H 68 -40.86 -29.13 -26.82
CA GLN H 68 -39.71 -29.99 -26.53
C GLN H 68 -39.55 -30.98 -27.71
N LEU H 69 -38.31 -31.16 -28.16
CA LEU H 69 -37.96 -32.02 -29.30
C LEU H 69 -37.34 -33.34 -28.87
N THR H 70 -36.38 -33.27 -27.95
CA THR H 70 -35.68 -34.43 -27.40
C THR H 70 -35.52 -34.27 -25.89
N ASP H 71 -34.86 -35.24 -25.26
CA ASP H 71 -34.54 -35.19 -23.82
C ASP H 71 -33.75 -33.94 -23.42
N ASP H 72 -32.92 -33.41 -24.31
CA ASP H 72 -32.08 -32.24 -24.03
C ASP H 72 -32.18 -31.10 -25.06
N SER H 73 -33.32 -31.00 -25.76
CA SER H 73 -33.51 -29.89 -26.69
C SER H 73 -34.97 -29.50 -26.84
N TYR H 74 -35.20 -28.20 -26.96
CA TYR H 74 -36.52 -27.67 -27.24
C TYR H 74 -36.38 -26.55 -28.28
N LYS H 75 -37.48 -26.28 -28.97
CA LYS H 75 -37.57 -25.33 -30.05
C LYS H 75 -38.42 -24.16 -29.62
N GLU H 76 -37.97 -22.93 -29.90
CA GLU H 76 -38.79 -21.73 -29.78
C GLU H 76 -39.04 -21.24 -31.22
N SER H 77 -40.29 -21.24 -31.65
CA SER H 77 -40.70 -20.74 -32.97
C SER H 77 -41.06 -19.30 -32.69
N ILE H 78 -40.09 -18.42 -32.89
CA ILE H 78 -40.21 -17.00 -32.55
C ILE H 78 -40.93 -16.22 -33.63
N GLU H 79 -41.94 -15.46 -33.24
CA GLU H 79 -42.67 -14.60 -34.14
C GLU H 79 -41.86 -13.31 -34.26
N LYS H 80 -41.66 -12.62 -33.13
CA LYS H 80 -40.86 -11.39 -33.07
C LYS H 80 -39.97 -11.41 -31.83
N ASN H 81 -38.74 -10.92 -31.95
CA ASN H 81 -37.78 -10.82 -30.85
C ASN H 81 -36.98 -9.53 -31.03
N ILE H 82 -37.29 -8.50 -30.25
CA ILE H 82 -36.56 -7.20 -30.31
C ILE H 82 -35.14 -7.30 -29.71
N HIS H 83 -34.92 -8.25 -28.81
CA HIS H 83 -33.57 -8.49 -28.25
C HIS H 83 -32.64 -9.12 -29.29
N LEU H 84 -33.12 -10.12 -30.03
CA LEU H 84 -32.39 -10.84 -31.09
C LEU H 84 -33.23 -10.87 -32.40
N PRO H 85 -33.29 -9.73 -33.15
CA PRO H 85 -34.12 -9.63 -34.39
C PRO H 85 -33.87 -10.67 -35.50
N LEU H 87 -33.74 -13.79 -35.11
CA LEU H 87 -34.63 -14.92 -34.82
C LEU H 87 -36.11 -14.71 -35.24
N ASP H 88 -36.47 -13.54 -35.78
CA ASP H 88 -37.86 -13.25 -36.21
C ASP H 88 -38.32 -14.22 -37.29
N ASN H 89 -39.50 -14.83 -37.08
CA ASN H 89 -40.08 -15.84 -37.99
C ASN H 89 -39.18 -17.08 -38.20
N GLN H 90 -38.32 -17.39 -37.22
CA GLN H 90 -37.39 -18.52 -37.27
C GLN H 90 -37.61 -19.42 -36.07
N ASP H 91 -37.14 -20.66 -36.23
CA ASP H 91 -37.09 -21.63 -35.15
C ASP H 91 -35.69 -21.52 -34.57
N ASN H 92 -35.61 -21.44 -33.25
CA ASN H 92 -34.34 -21.45 -32.52
C ASN H 92 -34.35 -22.76 -31.75
N ILE H 93 -33.34 -23.60 -31.95
CA ILE H 93 -33.22 -24.89 -31.25
C ILE H 93 -32.31 -24.65 -30.06
N LEU H 94 -32.86 -24.81 -28.86
CA LEU H 94 -32.12 -24.60 -27.64
C LEU H 94 -31.79 -25.94 -27.01
N GLU H 95 -30.50 -26.16 -26.75
CA GLU H 95 -30.02 -27.34 -26.02
C GLU H 95 -30.22 -26.96 -24.56
N PHE H 96 -30.82 -27.84 -23.77
CA PHE H 96 -31.08 -27.54 -22.36
C PHE H 96 -30.83 -28.69 -21.41
N GLU H 97 -30.68 -28.31 -20.15
CA GLU H 97 -30.59 -29.21 -19.02
C GLU H 97 -31.23 -28.52 -17.81
N ILE H 98 -32.13 -29.21 -17.11
CA ILE H 98 -32.71 -28.72 -15.86
C ILE H 98 -31.88 -29.40 -14.76
N LYS H 99 -31.13 -28.62 -13.98
CA LYS H 99 -30.32 -29.15 -12.87
C LYS H 99 -31.04 -28.90 -11.55
N ASP H 100 -31.18 -29.96 -10.74
CA ASP H 100 -31.82 -29.92 -9.42
C ASP H 100 -33.26 -29.38 -9.44
N ASN H 101 -33.99 -29.66 -10.53
CA ASN H 101 -35.38 -29.19 -10.76
C ASN H 101 -35.63 -27.68 -10.91
N ASP H 102 -34.66 -26.85 -10.50
CA ASP H 102 -34.81 -25.41 -10.39
C ASP H 102 -34.02 -24.54 -11.36
N TYR H 103 -32.96 -25.07 -11.97
CA TYR H 103 -32.10 -24.28 -12.85
C TYR H 103 -32.14 -24.79 -14.28
N LEU H 104 -32.56 -23.93 -15.21
CA LEU H 104 -32.64 -24.24 -16.64
C LEU H 104 -31.39 -23.65 -17.28
N HIS H 105 -30.49 -24.53 -17.73
CA HIS H 105 -29.24 -24.11 -18.39
C HIS H 105 -29.46 -24.36 -19.86
N LEU H 106 -29.38 -23.28 -20.65
CA LEU H 106 -29.61 -23.34 -22.08
C LEU H 106 -28.44 -22.88 -22.90
N LYS H 107 -28.32 -23.40 -24.12
CA LYS H 107 -27.37 -22.90 -25.11
C LYS H 107 -27.96 -22.99 -26.51
N TYR H 108 -27.66 -21.98 -27.31
CA TYR H 108 -28.15 -21.91 -28.69
C TYR H 108 -27.12 -21.17 -29.54
N PHE H 109 -27.17 -21.43 -30.85
CA PHE H 109 -26.20 -20.93 -31.82
C PHE H 109 -26.88 -19.99 -32.79
N ILE H 110 -26.27 -18.83 -33.02
CA ILE H 110 -26.73 -17.84 -34.01
C ILE H 110 -25.64 -17.82 -35.09
N LYS H 111 -26.03 -18.17 -36.33
CA LYS H 111 -25.17 -18.32 -37.51
C LYS H 111 -25.09 -17.16 -38.52
N SER H 112 -25.99 -16.15 -38.47
CA SER H 112 -25.97 -14.98 -39.39
C SER H 112 -25.87 -13.68 -38.60
N LEU H 119 -22.04 -14.61 -38.56
CA LEU H 119 -21.72 -14.99 -37.19
C LEU H 119 -21.61 -16.50 -37.01
N ASN H 120 -21.04 -16.90 -35.89
CA ASN H 120 -20.99 -18.32 -35.49
C ASN H 120 -20.81 -18.36 -33.98
N THR H 121 -21.79 -17.84 -33.25
CA THR H 121 -21.67 -17.63 -31.79
C THR H 121 -22.65 -18.46 -31.00
N TRP H 122 -22.14 -19.14 -29.96
CA TRP H 122 -22.98 -19.87 -29.00
C TRP H 122 -23.34 -18.88 -27.89
N TYR H 123 -24.61 -18.88 -27.49
CA TYR H 123 -25.13 -18.05 -26.40
C TYR H 123 -25.49 -19.00 -25.28
N TYR H 124 -25.15 -18.66 -24.04
CA TYR H 124 -25.44 -19.48 -22.86
C TYR H 124 -26.31 -18.68 -21.92
N GLU H 125 -27.31 -19.33 -21.33
CA GLU H 125 -28.21 -18.70 -20.35
C GLU H 125 -28.53 -19.63 -19.21
N THR H 126 -28.71 -19.05 -18.02
CA THR H 126 -29.15 -19.78 -16.83
C THR H 126 -30.39 -19.07 -16.33
N TRP H 127 -31.46 -19.84 -16.15
CA TRP H 127 -32.73 -19.34 -15.63
C TRP H 127 -33.08 -20.15 -14.38
N LYS H 128 -33.77 -19.52 -13.44
CA LYS H 128 -34.21 -20.17 -12.21
C LYS H 128 -35.73 -20.19 -12.17
N ARG H 129 -36.29 -21.35 -11.80
CA ARG H 129 -37.75 -21.52 -11.73
C ARG H 129 -38.33 -20.62 -10.65
N VAL H 130 -39.35 -19.82 -10.99
CA VAL H 130 -40.04 -18.97 -10.02
C VAL H 130 -41.06 -19.87 -9.33
N GLU H 131 -41.02 -19.88 -7.99
CA GLU H 131 -41.89 -20.73 -7.16
C GLU H 131 -42.63 -19.93 -6.11
N PRO H 133 -43.29 -19.44 -2.33
CA PRO H 133 -42.74 -19.80 -1.02
C PRO H 133 -43.85 -20.13 -0.02
N ALA H 134 -43.48 -20.66 1.15
CA ALA H 134 -44.43 -21.04 2.19
C ALA H 134 -45.28 -19.87 2.72
N LYS H 135 -44.63 -18.70 2.90
CA LYS H 135 -45.26 -17.48 3.41
C LYS H 135 -45.00 -16.28 2.52
N PHE H 136 -45.94 -15.35 2.49
CA PHE H 136 -45.77 -14.08 1.78
C PHE H 136 -44.84 -13.25 2.67
N PRO H 137 -43.67 -12.77 2.13
CA PRO H 137 -42.74 -12.02 3.00
C PRO H 137 -43.27 -10.66 3.47
N GLU H 138 -42.89 -10.27 4.68
CA GLU H 138 -43.28 -8.99 5.28
C GLU H 138 -42.39 -7.90 4.64
N ASP H 139 -42.91 -6.67 4.59
CA ASP H 139 -42.17 -5.50 4.07
C ASP H 139 -41.71 -5.59 2.58
N ILE H 140 -42.58 -6.15 1.75
CA ILE H 140 -42.38 -6.26 0.30
C ILE H 140 -43.26 -5.23 -0.36
N VAL H 141 -42.79 -4.63 -1.47
CA VAL H 141 -43.56 -3.68 -2.27
C VAL H 141 -44.16 -4.44 -3.46
N ARG H 142 -45.48 -4.57 -3.50
CA ARG H 142 -46.16 -5.26 -4.62
C ARG H 142 -46.24 -4.34 -5.82
#